data_7OOG
#
_entry.id   7OOG
#
_cell.length_a   79.997
_cell.length_b   101.027
_cell.length_c   103.184
_cell.angle_alpha   90.00
_cell.angle_beta   90.00
_cell.angle_gamma   90.00
#
_symmetry.space_group_name_H-M   'P 21 21 21'
#
loop_
_entity.id
_entity.type
_entity.pdbx_description
1 polymer 'Heat shock protein 70'
2 non-polymer GLYCEROL
3 non-polymer 'TETRAETHYLENE GLYCOL'
4 non-polymer 'AMP PHOSPHORAMIDATE'
5 non-polymer 4-bromanylpyridin-2-amine
6 non-polymer 'PHOSPHATE ION'
7 non-polymer 'CHLORIDE ION'
8 non-polymer 'MAGNESIUM ION'
9 water water
#
_entity_poly.entity_id   1
_entity_poly.type   'polypeptide(L)'
_entity_poly.pdbx_seq_one_letter_code
;GPAEESEVAIGIDLGTTYSCVGICRNGVVDIIANDQGNRTTPSYVAFTDTERLIGDAAKNQASRNPENTVFDAKRLIGRK
FSETTVQSDMKHWPFTVKGGSDGKPMIEVSYQGEKKTFHPEEISSMVLKKMKEVAETYLGKPVKNAVITVPAYFNDSQRQ
ATKDAGAIAGLNVLRIINEPTAAAIAYGLDKKGKGEQNILIFDLGGGTFDVSLLTLEDGIFEVKATSGDTHLGGEDFDNK
LVNFCVQDFKKKNGGKDVSKNSKSLRRLRTQCEKAKRVLSSSAQATIEVDSLFDGIDYNVNITRAKFEELCMDQFRNTLI
PVEKVLKDAKMDKSQVHEIVLVGGSTRIPKIQQLIKDFFNGKEP(CSX)KAINPDEAVAYGAAVQAAILSGDQSSAV
;
_entity_poly.pdbx_strand_id   A,B
#
# COMPACT_ATOMS: atom_id res chain seq x y z
N GLU A 7 4.48 12.79 30.86
CA GLU A 7 5.74 12.05 30.95
C GLU A 7 5.51 10.52 30.84
N VAL A 8 4.36 10.03 31.32
CA VAL A 8 4.06 8.60 31.22
C VAL A 8 3.52 8.25 29.83
N ALA A 9 4.13 7.23 29.17
CA ALA A 9 3.74 6.74 27.84
C ALA A 9 3.52 5.25 27.82
N ILE A 10 2.33 4.81 27.33
CA ILE A 10 1.90 3.43 27.22
C ILE A 10 1.92 2.94 25.77
N GLY A 11 1.94 1.63 25.61
CA GLY A 11 1.85 1.00 24.31
C GLY A 11 0.51 0.30 24.26
N ILE A 12 -0.22 0.49 23.17
CA ILE A 12 -1.53 -0.12 23.03
C ILE A 12 -1.61 -0.89 21.74
N ASP A 13 -1.97 -2.16 21.83
CA ASP A 13 -2.35 -2.97 20.71
C ASP A 13 -3.89 -2.76 20.57
N LEU A 14 -4.34 -2.05 19.55
CA LEU A 14 -5.77 -1.86 19.29
C LEU A 14 -6.17 -2.97 18.32
N GLY A 15 -6.56 -4.11 18.86
CA GLY A 15 -6.84 -5.30 18.06
C GLY A 15 -8.22 -5.40 17.47
N THR A 16 -8.39 -6.25 16.45
CA THR A 16 -9.68 -6.44 15.79
C THR A 16 -10.73 -6.95 16.79
N THR A 17 -10.37 -7.97 17.61
CA THR A 17 -11.20 -8.66 18.60
C THR A 17 -10.77 -8.34 20.04
N TYR A 18 -9.43 -8.22 20.34
CA TYR A 18 -8.93 -7.88 21.67
C TYR A 18 -7.88 -6.81 21.62
N SER A 19 -7.84 -5.95 22.63
CA SER A 19 -6.86 -4.89 22.80
C SER A 19 -6.00 -5.19 24.05
N CYS A 20 -4.82 -4.62 24.13
CA CYS A 20 -3.89 -4.92 25.21
C CYS A 20 -3.07 -3.66 25.48
N VAL A 21 -2.80 -3.36 26.77
CA VAL A 21 -2.01 -2.19 27.12
C VAL A 21 -0.80 -2.59 27.97
N GLY A 22 0.34 -2.00 27.66
CA GLY A 22 1.56 -2.26 28.39
C GLY A 22 2.29 -0.97 28.72
N ILE A 23 3.20 -1.05 29.71
CA ILE A 23 4.06 0.03 30.08
C ILE A 23 5.44 -0.49 30.27
N CYS A 24 6.46 0.20 29.72
CA CYS A 24 7.86 -0.15 29.89
C CYS A 24 8.48 0.84 30.88
N ARG A 25 8.78 0.35 32.07
CA ARG A 25 9.35 1.15 33.13
C ARG A 25 10.59 0.51 33.57
N ASN A 26 11.65 1.33 33.69
CA ASN A 26 12.96 0.89 34.11
C ASN A 26 13.49 -0.24 33.23
N GLY A 27 13.11 -0.26 31.97
CA GLY A 27 13.55 -1.28 31.03
C GLY A 27 12.69 -2.52 30.98
N VAL A 28 11.75 -2.73 31.92
CA VAL A 28 10.91 -3.93 31.86
C VAL A 28 9.47 -3.57 31.57
N VAL A 29 8.78 -4.48 30.88
CA VAL A 29 7.43 -4.24 30.46
C VAL A 29 6.42 -4.93 31.33
N ASP A 30 5.44 -4.19 31.85
CA ASP A 30 4.28 -4.74 32.52
C ASP A 30 3.05 -4.65 31.58
N ILE A 31 2.40 -5.81 31.26
CA ILE A 31 1.15 -5.88 30.53
C ILE A 31 0.09 -5.72 31.61
N ILE A 32 -0.79 -4.72 31.46
CA ILE A 32 -1.73 -4.38 32.54
C ILE A 32 -3.09 -5.05 32.45
N ALA A 33 -3.48 -5.72 33.52
CA ALA A 33 -4.76 -6.40 33.66
C ALA A 33 -5.89 -5.39 33.87
N ASN A 34 -7.07 -5.70 33.35
CA ASN A 34 -8.25 -4.84 33.50
C ASN A 34 -8.98 -5.16 34.85
N ASP A 35 -10.20 -4.60 35.05
CA ASP A 35 -11.05 -4.79 36.23
C ASP A 35 -11.34 -6.22 36.55
N GLN A 36 -11.47 -7.05 35.52
CA GLN A 36 -11.78 -8.47 35.69
C GLN A 36 -10.53 -9.35 35.81
N GLY A 37 -9.33 -8.74 35.89
CA GLY A 37 -8.07 -9.46 35.95
C GLY A 37 -7.58 -9.99 34.61
N ASN A 38 -8.20 -9.56 33.50
CA ASN A 38 -7.83 -10.03 32.16
C ASN A 38 -6.75 -9.18 31.55
N ARG A 39 -5.70 -9.83 31.02
CA ARG A 39 -4.54 -9.14 30.45
C ARG A 39 -4.80 -8.56 29.02
N THR A 40 -5.93 -8.95 28.40
CA THR A 40 -6.45 -8.40 27.15
C THR A 40 -7.95 -8.06 27.36
N THR A 41 -8.46 -7.12 26.57
CA THR A 41 -9.82 -6.63 26.71
C THR A 41 -10.49 -6.66 25.35
N PRO A 42 -11.69 -7.25 25.26
CA PRO A 42 -12.40 -7.27 23.98
C PRO A 42 -12.59 -5.86 23.38
N SER A 43 -12.40 -5.73 22.06
CA SER A 43 -12.59 -4.48 21.33
C SER A 43 -14.09 -4.32 21.02
N TYR A 44 -14.90 -4.34 22.08
CA TYR A 44 -16.34 -4.29 22.00
C TYR A 44 -16.88 -3.09 22.73
N VAL A 45 -17.90 -2.46 22.14
CA VAL A 45 -18.61 -1.33 22.75
C VAL A 45 -20.11 -1.62 22.65
N ALA A 46 -20.83 -1.59 23.76
CA ALA A 46 -22.26 -1.88 23.75
C ALA A 46 -23.06 -0.72 24.34
N PHE A 47 -24.28 -0.51 23.84
CA PHE A 47 -25.17 0.54 24.30
C PHE A 47 -26.46 -0.12 24.75
N THR A 48 -26.91 0.13 26.01
CA THR A 48 -28.12 -0.44 26.59
C THR A 48 -29.14 0.71 26.90
N ASP A 49 -30.27 0.39 27.57
CA ASP A 49 -31.22 1.41 27.99
C ASP A 49 -30.62 2.35 29.04
N THR A 50 -29.59 1.90 29.80
CA THR A 50 -29.01 2.70 30.87
C THR A 50 -27.53 3.08 30.71
N GLU A 51 -26.74 2.22 30.07
CA GLU A 51 -25.30 2.47 30.05
C GLU A 51 -24.57 2.10 28.76
N ARG A 52 -23.33 2.61 28.63
CA ARG A 52 -22.41 2.33 27.57
C ARG A 52 -21.36 1.41 28.23
N LEU A 53 -21.28 0.17 27.74
CA LEU A 53 -20.35 -0.85 28.22
C LEU A 53 -19.16 -0.96 27.26
N ILE A 54 -17.96 -1.17 27.79
CA ILE A 54 -16.77 -1.34 26.97
C ILE A 54 -15.98 -2.53 27.49
N GLY A 55 -15.48 -3.36 26.59
CA GLY A 55 -14.63 -4.47 26.95
C GLY A 55 -15.37 -5.71 27.33
N ASP A 56 -14.96 -6.35 28.44
CA ASP A 56 -15.56 -7.60 28.88
C ASP A 56 -17.07 -7.48 29.10
N ALA A 57 -17.52 -6.39 29.71
CA ALA A 57 -18.94 -6.19 29.98
C ALA A 57 -19.73 -6.13 28.67
N ALA A 58 -19.16 -5.48 27.62
CA ALA A 58 -19.81 -5.39 26.33
C ALA A 58 -19.85 -6.75 25.63
N LYS A 59 -18.71 -7.49 25.61
CA LYS A 59 -18.71 -8.81 24.99
C LYS A 59 -19.66 -9.78 25.70
N ASN A 60 -19.72 -9.73 27.05
CA ASN A 60 -20.54 -10.64 27.84
C ASN A 60 -22.04 -10.54 27.54
N GLN A 61 -22.55 -9.34 27.23
CA GLN A 61 -23.99 -9.19 26.94
C GLN A 61 -24.31 -9.15 25.44
N ALA A 62 -23.34 -9.49 24.56
CA ALA A 62 -23.52 -9.45 23.12
C ALA A 62 -24.66 -10.30 22.60
N SER A 63 -24.86 -11.51 23.11
CA SER A 63 -25.94 -12.38 22.62
C SER A 63 -27.32 -11.89 23.07
N ARG A 64 -27.40 -11.14 24.17
CA ARG A 64 -28.67 -10.56 24.64
C ARG A 64 -29.02 -9.25 23.95
N ASN A 65 -28.01 -8.57 23.39
CA ASN A 65 -28.18 -7.24 22.78
C ASN A 65 -27.36 -7.16 21.48
N PRO A 66 -27.59 -8.05 20.51
CA PRO A 66 -26.76 -8.08 19.31
C PRO A 66 -26.75 -6.83 18.47
N GLU A 67 -27.89 -6.17 18.39
CA GLU A 67 -28.08 -5.00 17.54
C GLU A 67 -27.33 -3.77 18.03
N ASN A 68 -27.09 -3.69 19.34
CA ASN A 68 -26.45 -2.54 19.97
C ASN A 68 -25.06 -2.85 20.55
N THR A 69 -24.47 -3.98 20.16
CA THR A 69 -23.13 -4.34 20.57
C THR A 69 -22.24 -4.26 19.35
N VAL A 70 -21.32 -3.30 19.35
CA VAL A 70 -20.41 -3.03 18.25
C VAL A 70 -19.06 -3.68 18.49
N PHE A 71 -18.49 -4.32 17.47
CA PHE A 71 -17.17 -4.95 17.42
C PHE A 71 -16.67 -4.82 15.97
N ASP A 72 -15.43 -5.27 15.66
CA ASP A 72 -14.91 -5.21 14.28
C ASP A 72 -14.84 -3.79 13.71
N ALA A 73 -14.80 -2.73 14.56
CA ALA A 73 -14.65 -1.37 14.06
C ALA A 73 -13.34 -1.23 13.30
N LYS A 74 -12.29 -2.02 13.65
CA LYS A 74 -11.01 -2.01 12.95
C LYS A 74 -11.17 -2.37 11.45
N ARG A 75 -12.22 -3.13 11.10
CA ARG A 75 -12.47 -3.46 9.68
C ARG A 75 -13.10 -2.30 8.90
N LEU A 76 -13.61 -1.27 9.61
CA LEU A 76 -14.25 -0.11 9.01
C LEU A 76 -13.41 1.15 9.13
N ILE A 77 -12.49 1.22 10.15
CA ILE A 77 -11.71 2.43 10.41
C ILE A 77 -10.91 2.90 9.18
N GLY A 78 -11.04 4.16 8.80
CA GLY A 78 -10.36 4.72 7.64
C GLY A 78 -10.86 4.27 6.27
N ARG A 79 -11.95 3.50 6.21
CA ARG A 79 -12.50 3.03 4.95
C ARG A 79 -13.71 3.83 4.49
N LYS A 80 -13.97 3.87 3.17
CA LYS A 80 -15.20 4.41 2.60
C LYS A 80 -16.22 3.29 2.70
N PHE A 81 -17.47 3.62 3.01
CA PHE A 81 -18.54 2.64 3.12
C PHE A 81 -18.70 1.77 1.84
N SER A 82 -18.42 2.40 0.67
CA SER A 82 -18.57 1.73 -0.63
C SER A 82 -17.50 0.69 -0.94
N GLU A 83 -16.41 0.63 -0.14
CA GLU A 83 -15.35 -0.36 -0.38
C GLU A 83 -15.89 -1.79 -0.43
N THR A 84 -15.42 -2.63 -1.38
CA THR A 84 -15.93 -3.99 -1.48
C THR A 84 -15.67 -4.79 -0.21
N THR A 85 -14.65 -4.42 0.60
CA THR A 85 -14.40 -5.14 1.85
C THR A 85 -15.57 -4.91 2.81
N VAL A 86 -16.08 -3.67 2.88
CA VAL A 86 -17.21 -3.33 3.74
C VAL A 86 -18.50 -4.09 3.30
N GLN A 87 -18.79 -4.09 1.99
CA GLN A 87 -19.95 -4.81 1.47
C GLN A 87 -19.91 -6.31 1.84
N SER A 88 -18.74 -6.88 1.85
CA SER A 88 -18.47 -8.27 2.13
C SER A 88 -18.53 -8.57 3.64
N ASP A 89 -17.82 -7.76 4.44
CA ASP A 89 -17.72 -7.94 5.88
C ASP A 89 -19.02 -7.66 6.59
N MET A 90 -19.90 -6.80 6.04
CA MET A 90 -21.11 -6.41 6.74
C MET A 90 -22.08 -7.55 7.01
N LYS A 91 -22.01 -8.66 6.22
CA LYS A 91 -22.84 -9.84 6.46
C LYS A 91 -22.62 -10.45 7.86
N HIS A 92 -21.42 -10.25 8.41
CA HIS A 92 -20.98 -10.79 9.69
C HIS A 92 -21.46 -9.93 10.89
N TRP A 93 -22.02 -8.73 10.65
CA TRP A 93 -22.41 -7.82 11.71
C TRP A 93 -23.89 -7.77 12.02
N PRO A 94 -24.27 -8.04 13.29
CA PRO A 94 -25.67 -7.85 13.69
C PRO A 94 -26.06 -6.37 13.82
N PHE A 95 -25.08 -5.47 13.98
CA PHE A 95 -25.35 -4.04 14.11
C PHE A 95 -25.47 -3.40 12.75
N THR A 96 -26.17 -2.26 12.67
CA THR A 96 -26.40 -1.56 11.41
C THR A 96 -25.27 -0.61 11.04
N VAL A 97 -24.80 -0.68 9.81
CA VAL A 97 -23.77 0.23 9.31
C VAL A 97 -24.31 0.79 8.01
N LYS A 98 -24.33 2.12 7.89
CA LYS A 98 -24.78 2.86 6.71
C LYS A 98 -23.66 3.82 6.27
N GLY A 99 -23.78 4.37 5.08
CA GLY A 99 -22.83 5.33 4.57
C GLY A 99 -23.33 6.75 4.71
N GLY A 100 -22.48 7.62 5.24
CA GLY A 100 -22.78 9.03 5.39
C GLY A 100 -22.63 9.78 4.09
N SER A 101 -23.00 11.07 4.04
CA SER A 101 -22.91 11.84 2.78
C SER A 101 -21.46 12.02 2.30
N ASP A 102 -20.51 12.01 3.24
CA ASP A 102 -19.07 12.06 2.97
C ASP A 102 -18.48 10.66 2.61
N GLY A 103 -19.31 9.63 2.56
CA GLY A 103 -18.87 8.28 2.25
C GLY A 103 -18.27 7.52 3.43
N LYS A 104 -18.27 8.12 4.64
CA LYS A 104 -17.73 7.44 5.82
C LYS A 104 -18.78 6.51 6.40
N PRO A 105 -18.36 5.33 6.90
CA PRO A 105 -19.31 4.45 7.57
C PRO A 105 -19.85 5.07 8.86
N MET A 106 -21.14 4.87 9.14
CA MET A 106 -21.84 5.32 10.33
C MET A 106 -22.43 4.08 10.98
N ILE A 107 -22.04 3.78 12.21
CA ILE A 107 -22.53 2.63 12.94
C ILE A 107 -23.74 3.10 13.72
N GLU A 108 -24.91 2.50 13.50
CA GLU A 108 -26.16 2.92 14.17
C GLU A 108 -26.59 1.98 15.26
N VAL A 109 -26.80 2.53 16.46
CA VAL A 109 -27.24 1.77 17.64
C VAL A 109 -28.34 2.53 18.35
N SER A 110 -29.04 1.88 19.27
CA SER A 110 -30.01 2.51 20.14
C SER A 110 -29.34 2.59 21.53
N TYR A 111 -29.31 3.78 22.12
CA TYR A 111 -28.70 4.03 23.43
C TYR A 111 -29.67 4.87 24.25
N GLN A 112 -30.17 4.31 25.37
CA GLN A 112 -31.13 4.99 26.24
C GLN A 112 -32.40 5.37 25.48
N GLY A 113 -32.88 4.45 24.64
CA GLY A 113 -34.09 4.66 23.85
C GLY A 113 -33.96 5.65 22.71
N GLU A 114 -32.74 5.99 22.30
CA GLU A 114 -32.52 6.94 21.22
C GLU A 114 -31.55 6.40 20.17
N LYS A 115 -31.80 6.71 18.89
CA LYS A 115 -30.92 6.30 17.79
C LYS A 115 -29.65 7.17 17.81
N LYS A 116 -28.48 6.52 17.87
CA LYS A 116 -27.17 7.18 17.87
C LYS A 116 -26.32 6.61 16.74
N THR A 117 -25.52 7.47 16.08
CA THR A 117 -24.62 7.03 15.01
C THR A 117 -23.17 7.37 15.38
N PHE A 118 -22.23 6.49 15.03
CA PHE A 118 -20.83 6.69 15.33
C PHE A 118 -19.94 6.36 14.14
N HIS A 119 -18.86 7.12 13.95
CA HIS A 119 -17.85 6.79 12.96
C HIS A 119 -16.98 5.67 13.56
N PRO A 120 -16.34 4.85 12.73
CA PRO A 120 -15.51 3.74 13.26
C PRO A 120 -14.46 4.22 14.27
N GLU A 121 -13.82 5.38 14.00
CA GLU A 121 -12.82 5.95 14.91
C GLU A 121 -13.41 6.40 16.23
N GLU A 122 -14.72 6.68 16.29
CA GLU A 122 -15.38 7.01 17.55
C GLU A 122 -15.53 5.76 18.41
N ILE A 123 -15.87 4.63 17.81
CA ILE A 123 -15.97 3.36 18.53
C ILE A 123 -14.57 2.95 19.00
N SER A 124 -13.57 3.06 18.13
CA SER A 124 -12.20 2.73 18.48
C SER A 124 -11.64 3.65 19.58
N SER A 125 -12.05 4.93 19.58
CA SER A 125 -11.66 5.87 20.62
C SER A 125 -12.16 5.38 22.00
N MET A 126 -13.35 4.74 22.06
CA MET A 126 -13.90 4.23 23.32
C MET A 126 -13.12 3.03 23.82
N VAL A 127 -12.60 2.20 22.90
CA VAL A 127 -11.76 1.07 23.29
C VAL A 127 -10.42 1.60 23.80
N LEU A 128 -9.84 2.59 23.11
CA LEU A 128 -8.59 3.21 23.50
C LEU A 128 -8.72 3.90 24.87
N LYS A 129 -9.85 4.54 25.11
CA LYS A 129 -10.12 5.24 26.37
C LYS A 129 -10.21 4.24 27.51
N LYS A 130 -10.80 3.06 27.26
CA LYS A 130 -10.86 1.99 28.26
C LYS A 130 -9.44 1.50 28.56
N MET A 131 -8.59 1.32 27.52
CA MET A 131 -7.21 0.87 27.72
C MET A 131 -6.38 1.90 28.50
N LYS A 132 -6.61 3.19 28.21
CA LYS A 132 -5.98 4.30 28.90
C LYS A 132 -6.36 4.23 30.39
N GLU A 133 -7.67 4.04 30.70
CA GLU A 133 -8.18 3.94 32.07
C GLU A 133 -7.64 2.71 32.80
N VAL A 134 -7.44 1.61 32.09
CA VAL A 134 -6.85 0.39 32.66
C VAL A 134 -5.44 0.71 33.15
N ALA A 135 -4.66 1.44 32.35
CA ALA A 135 -3.30 1.83 32.73
C ALA A 135 -3.32 2.81 33.90
N GLU A 136 -4.24 3.79 33.86
CA GLU A 136 -4.36 4.82 34.89
C GLU A 136 -4.71 4.26 36.26
N THR A 137 -5.61 3.26 36.31
CA THR A 137 -5.99 2.58 37.54
C THR A 137 -4.76 1.88 38.14
N TYR A 138 -3.98 1.22 37.28
CA TYR A 138 -2.80 0.52 37.71
C TYR A 138 -1.70 1.51 38.20
N LEU A 139 -1.43 2.56 37.44
CA LEU A 139 -0.39 3.51 37.77
C LEU A 139 -0.74 4.51 38.86
N GLY A 140 -2.04 4.76 39.05
CA GLY A 140 -2.51 5.75 40.01
C GLY A 140 -2.17 7.17 39.57
N LYS A 141 -1.94 7.37 38.25
CA LYS A 141 -1.58 8.67 37.67
C LYS A 141 -2.27 8.75 36.30
N PRO A 142 -2.60 9.96 35.82
CA PRO A 142 -3.14 10.08 34.45
C PRO A 142 -2.07 9.73 33.40
N VAL A 143 -2.52 9.20 32.26
CA VAL A 143 -1.65 8.79 31.15
C VAL A 143 -2.02 9.63 29.94
N LYS A 144 -1.04 10.27 29.29
CA LYS A 144 -1.35 11.12 28.14
C LYS A 144 -0.70 10.63 26.86
N ASN A 145 0.50 10.09 26.93
CA ASN A 145 1.22 9.65 25.73
C ASN A 145 1.03 8.17 25.43
N ALA A 146 1.01 7.80 24.15
CA ALA A 146 0.85 6.42 23.75
C ALA A 146 1.43 6.15 22.37
N VAL A 147 1.89 4.92 22.17
CA VAL A 147 2.20 4.39 20.86
C VAL A 147 1.07 3.42 20.58
N ILE A 148 0.41 3.55 19.41
CA ILE A 148 -0.67 2.65 19.00
C ILE A 148 -0.22 1.87 17.76
N THR A 149 -0.52 0.58 17.70
CA THR A 149 -0.12 -0.27 16.60
C THR A 149 -1.23 -0.44 15.62
N VAL A 150 -0.88 -0.71 14.34
CA VAL A 150 -1.81 -0.98 13.25
C VAL A 150 -1.18 -2.09 12.39
N PRO A 151 -2.00 -2.83 11.62
CA PRO A 151 -1.42 -3.83 10.69
C PRO A 151 -0.52 -3.14 9.66
N ALA A 152 0.53 -3.85 9.23
CA ALA A 152 1.49 -3.31 8.26
C ALA A 152 0.84 -2.94 6.93
N TYR A 153 -0.29 -3.57 6.56
CA TYR A 153 -0.96 -3.26 5.29
C TYR A 153 -1.89 -2.03 5.39
N PHE A 154 -2.12 -1.46 6.60
CA PHE A 154 -2.98 -0.30 6.78
C PHE A 154 -2.47 0.85 5.94
N ASN A 155 -3.38 1.46 5.17
CA ASN A 155 -3.03 2.58 4.32
C ASN A 155 -3.01 3.89 5.14
N ASP A 156 -2.69 5.02 4.51
CA ASP A 156 -2.63 6.30 5.19
C ASP A 156 -3.97 6.67 5.82
N SER A 157 -5.09 6.37 5.16
CA SER A 157 -6.40 6.71 5.68
C SER A 157 -6.71 5.95 6.97
N GLN A 158 -6.42 4.64 6.98
CA GLN A 158 -6.63 3.79 8.13
C GLN A 158 -5.72 4.18 9.28
N ARG A 159 -4.46 4.56 8.98
CA ARG A 159 -3.52 4.99 10.02
C ARG A 159 -3.95 6.31 10.62
N GLN A 160 -4.32 7.26 9.78
CA GLN A 160 -4.75 8.58 10.24
C GLN A 160 -6.01 8.49 11.09
N ALA A 161 -6.97 7.63 10.68
CA ALA A 161 -8.20 7.42 11.45
C ALA A 161 -7.92 6.77 12.81
N THR A 162 -6.92 5.87 12.89
CA THR A 162 -6.50 5.26 14.15
C THR A 162 -5.88 6.34 15.05
N LYS A 163 -5.04 7.22 14.48
CA LYS A 163 -4.41 8.33 15.20
C LYS A 163 -5.48 9.25 15.76
N ASP A 164 -6.50 9.59 14.96
CA ASP A 164 -7.66 10.40 15.34
C ASP A 164 -8.45 9.75 16.48
N ALA A 165 -8.65 8.41 16.43
CA ALA A 165 -9.30 7.67 17.53
C ALA A 165 -8.52 7.88 18.86
N GLY A 166 -7.19 7.88 18.79
CA GLY A 166 -6.35 8.13 19.95
C GLY A 166 -6.54 9.53 20.48
N ALA A 167 -6.55 10.52 19.59
CA ALA A 167 -6.78 11.92 19.97
C ALA A 167 -8.18 12.08 20.64
N ILE A 168 -9.21 11.44 20.08
CA ILE A 168 -10.56 11.48 20.67
C ILE A 168 -10.57 10.85 22.07
N ALA A 169 -9.76 9.79 22.28
CA ALA A 169 -9.62 9.14 23.59
C ALA A 169 -8.82 9.95 24.62
N GLY A 170 -8.26 11.09 24.22
CA GLY A 170 -7.47 11.94 25.11
C GLY A 170 -5.99 11.61 25.11
N LEU A 171 -5.51 10.86 24.11
CA LEU A 171 -4.12 10.43 24.06
C LEU A 171 -3.35 11.28 23.08
N ASN A 172 -2.09 11.55 23.41
CA ASN A 172 -1.15 12.20 22.54
C ASN A 172 -0.43 11.01 21.90
N VAL A 173 -0.72 10.75 20.64
CA VAL A 173 -0.16 9.61 19.93
C VAL A 173 1.22 9.92 19.44
N LEU A 174 2.23 9.41 20.16
CA LEU A 174 3.65 9.63 19.81
C LEU A 174 3.97 9.06 18.45
N ARG A 175 3.39 7.92 18.12
CA ARG A 175 3.62 7.27 16.86
C ARG A 175 2.65 6.12 16.67
N ILE A 176 2.36 5.84 15.40
CA ILE A 176 1.60 4.69 14.94
C ILE A 176 2.66 3.75 14.39
N ILE A 177 2.75 2.53 14.90
CA ILE A 177 3.76 1.57 14.40
C ILE A 177 3.11 0.30 13.90
N ASN A 178 3.80 -0.46 13.07
CA ASN A 178 3.28 -1.72 12.54
C ASN A 178 3.27 -2.80 13.60
N GLU A 179 2.23 -3.59 13.61
CA GLU A 179 2.08 -4.69 14.54
C GLU A 179 3.22 -5.71 14.44
N PRO A 180 3.62 -6.17 13.24
CA PRO A 180 4.72 -7.13 13.16
C PRO A 180 6.03 -6.57 13.67
N THR A 181 6.30 -5.29 13.40
CA THR A 181 7.49 -4.63 13.89
C THR A 181 7.45 -4.54 15.42
N ALA A 182 6.27 -4.21 16.01
CA ALA A 182 6.10 -4.15 17.48
C ALA A 182 6.41 -5.51 18.10
N ALA A 183 5.92 -6.60 17.50
CA ALA A 183 6.19 -7.93 18.00
C ALA A 183 7.68 -8.25 17.96
N ALA A 184 8.41 -7.84 16.90
CA ALA A 184 9.86 -8.08 16.79
C ALA A 184 10.64 -7.24 17.81
N ILE A 185 10.17 -6.01 18.06
CA ILE A 185 10.79 -5.13 19.06
C ILE A 185 10.64 -5.78 20.46
N ALA A 186 9.48 -6.40 20.75
CA ALA A 186 9.21 -7.08 22.03
C ALA A 186 10.27 -8.12 22.33
N TYR A 187 10.70 -8.88 21.32
CA TYR A 187 11.71 -9.92 21.51
C TYR A 187 13.16 -9.40 21.46
N GLY A 188 13.35 -8.10 21.33
CA GLY A 188 14.68 -7.51 21.28
C GLY A 188 15.50 -7.98 20.09
N LEU A 189 14.81 -8.37 19.01
CA LEU A 189 15.47 -8.84 17.80
C LEU A 189 16.25 -7.70 17.11
N ASP A 190 15.91 -6.41 17.40
CA ASP A 190 16.66 -5.24 16.89
C ASP A 190 18.00 -5.01 17.62
N LYS A 191 18.10 -5.51 18.85
CA LYS A 191 19.29 -5.34 19.65
C LYS A 191 20.21 -6.59 19.61
N LYS A 192 20.28 -7.29 18.47
CA LYS A 192 21.14 -8.48 18.37
C LYS A 192 22.29 -8.30 17.35
N GLY A 193 23.51 -8.52 17.79
CA GLY A 193 24.69 -8.32 16.96
C GLY A 193 24.98 -9.37 15.89
N LYS A 194 23.92 -9.94 15.27
CA LYS A 194 24.11 -10.93 14.21
C LYS A 194 24.53 -10.23 12.90
N GLY A 195 23.84 -9.13 12.59
CA GLY A 195 23.98 -8.35 11.37
C GLY A 195 22.59 -8.30 10.77
N GLU A 196 22.42 -8.75 9.50
CA GLU A 196 21.07 -8.80 8.92
C GLU A 196 20.32 -9.99 9.50
N GLN A 197 19.02 -9.81 9.73
CA GLN A 197 18.19 -10.86 10.28
C GLN A 197 16.88 -10.86 9.56
N ASN A 198 16.44 -12.03 9.11
CA ASN A 198 15.16 -12.23 8.44
C ASN A 198 14.19 -12.78 9.49
N ILE A 199 13.14 -12.02 9.79
CA ILE A 199 12.16 -12.37 10.81
C ILE A 199 10.80 -12.59 10.21
N LEU A 200 10.20 -13.76 10.44
CA LEU A 200 8.84 -14.03 10.01
C LEU A 200 7.89 -13.90 11.21
N ILE A 201 6.93 -12.96 11.13
CA ILE A 201 5.90 -12.78 12.15
C ILE A 201 4.67 -13.54 11.70
N PHE A 202 4.24 -14.53 12.49
CA PHE A 202 3.04 -15.33 12.20
C PHE A 202 2.00 -14.90 13.20
N ASP A 203 1.08 -14.07 12.77
CA ASP A 203 0.07 -13.49 13.64
C ASP A 203 -1.33 -14.03 13.33
N LEU A 204 -1.86 -14.90 14.20
CA LEU A 204 -3.17 -15.48 14.01
C LEU A 204 -4.01 -15.14 15.22
N GLY A 205 -4.87 -14.14 15.11
CA GLY A 205 -5.70 -13.65 16.20
C GLY A 205 -7.12 -14.18 16.17
N GLY A 206 -8.06 -13.32 16.58
CA GLY A 206 -9.47 -13.68 16.67
C GLY A 206 -10.20 -13.66 15.35
N GLY A 207 -9.86 -12.71 14.48
CA GLY A 207 -10.53 -12.62 13.20
C GLY A 207 -9.66 -12.53 11.98
N THR A 208 -8.33 -12.35 12.14
CA THR A 208 -7.44 -12.14 11.00
C THR A 208 -6.15 -12.95 11.17
N PHE A 209 -5.50 -13.19 10.05
CA PHE A 209 -4.25 -13.89 9.96
C PHE A 209 -3.30 -13.04 9.12
N ASP A 210 -2.18 -12.63 9.70
CA ASP A 210 -1.18 -11.81 9.03
C ASP A 210 0.17 -12.44 9.13
N VAL A 211 0.84 -12.60 7.99
CA VAL A 211 2.22 -13.07 7.94
C VAL A 211 3.05 -11.95 7.39
N SER A 212 4.14 -11.59 8.08
CA SER A 212 5.01 -10.51 7.65
C SER A 212 6.45 -10.96 7.69
N LEU A 213 7.19 -10.67 6.63
CA LEU A 213 8.60 -10.95 6.57
C LEU A 213 9.35 -9.64 6.72
N LEU A 214 10.12 -9.51 7.81
CA LEU A 214 10.87 -8.32 8.14
C LEU A 214 12.33 -8.59 8.03
N THR A 215 13.08 -7.57 7.67
CA THR A 215 14.53 -7.63 7.68
C THR A 215 14.97 -6.57 8.66
N LEU A 216 16.03 -6.87 9.37
CA LEU A 216 16.56 -5.96 10.37
C LEU A 216 18.02 -5.82 10.17
N GLU A 217 18.42 -4.68 9.59
CA GLU A 217 19.83 -4.37 9.45
C GLU A 217 20.10 -3.05 10.16
N ASP A 218 20.99 -3.08 11.17
CA ASP A 218 21.43 -1.93 11.95
C ASP A 218 20.33 -1.28 12.81
N GLY A 219 19.61 -2.10 13.57
CA GLY A 219 18.54 -1.64 14.45
C GLY A 219 17.30 -1.10 13.75
N ILE A 220 17.25 -1.22 12.43
CA ILE A 220 16.16 -0.73 11.60
C ILE A 220 15.36 -1.88 10.97
N PHE A 221 14.07 -1.96 11.28
CA PHE A 221 13.20 -2.99 10.70
C PHE A 221 12.59 -2.49 9.40
N GLU A 222 12.54 -3.35 8.41
CA GLU A 222 11.90 -3.07 7.14
C GLU A 222 10.92 -4.22 6.89
N VAL A 223 9.71 -3.88 6.45
CA VAL A 223 8.72 -4.89 6.10
C VAL A 223 8.97 -5.24 4.63
N LYS A 224 9.57 -6.42 4.36
CA LYS A 224 9.87 -6.86 3.00
C LYS A 224 8.65 -7.39 2.27
N ALA A 225 7.80 -8.18 2.93
CA ALA A 225 6.61 -8.74 2.29
C ALA A 225 5.57 -9.06 3.33
N THR A 226 4.30 -8.90 2.99
CA THR A 226 3.19 -9.25 3.87
C THR A 226 2.14 -10.05 3.09
N SER A 227 1.45 -10.93 3.78
CA SER A 227 0.38 -11.72 3.20
C SER A 227 -0.52 -12.22 4.36
N GLY A 228 -1.52 -13.03 4.07
CA GLY A 228 -2.40 -13.57 5.08
C GLY A 228 -3.81 -13.74 4.58
N ASP A 229 -4.76 -13.62 5.50
CA ASP A 229 -6.16 -13.78 5.22
C ASP A 229 -6.89 -12.95 6.26
N THR A 230 -7.55 -11.87 5.82
CA THR A 230 -8.33 -10.98 6.69
C THR A 230 -9.59 -11.65 7.24
N HIS A 231 -9.90 -12.89 6.80
CA HIS A 231 -11.06 -13.64 7.27
C HIS A 231 -10.70 -15.04 7.79
N LEU A 232 -9.56 -15.17 8.48
CA LEU A 232 -9.17 -16.42 9.09
C LEU A 232 -8.61 -16.09 10.48
N GLY A 233 -9.22 -16.64 11.51
CA GLY A 233 -8.83 -16.43 12.89
C GLY A 233 -9.52 -17.41 13.79
N GLY A 234 -9.39 -17.18 15.11
CA GLY A 234 -10.00 -18.03 16.11
C GLY A 234 -11.49 -18.21 15.93
N GLU A 235 -12.19 -17.15 15.49
CA GLU A 235 -13.64 -17.24 15.33
C GLU A 235 -14.08 -18.27 14.29
N ASP A 236 -13.23 -18.51 13.30
CA ASP A 236 -13.52 -19.52 12.27
C ASP A 236 -13.34 -20.94 12.84
N PHE A 237 -12.42 -21.13 13.79
CA PHE A 237 -12.23 -22.42 14.45
C PHE A 237 -13.42 -22.70 15.38
N ASP A 238 -13.94 -21.64 16.05
CA ASP A 238 -15.13 -21.73 16.89
C ASP A 238 -16.31 -22.18 16.01
N ASN A 239 -16.45 -21.62 14.79
CA ASN A 239 -17.51 -21.93 13.83
C ASN A 239 -17.44 -23.38 13.37
N LYS A 240 -16.24 -23.97 13.28
CA LYS A 240 -16.11 -25.38 12.94
C LYS A 240 -16.72 -26.24 14.03
N LEU A 241 -16.54 -25.83 15.30
CA LEU A 241 -17.12 -26.55 16.44
C LEU A 241 -18.64 -26.34 16.46
N VAL A 242 -19.11 -25.11 16.19
CA VAL A 242 -20.53 -24.77 16.15
C VAL A 242 -21.23 -25.64 15.10
N ASN A 243 -20.72 -25.68 13.84
CA ASN A 243 -21.34 -26.49 12.78
C ASN A 243 -21.42 -27.97 13.15
N PHE A 244 -20.39 -28.50 13.82
CA PHE A 244 -20.38 -29.88 14.27
C PHE A 244 -21.48 -30.11 15.33
N CYS A 245 -21.58 -29.20 16.31
CA CYS A 245 -22.55 -29.29 17.39
C CYS A 245 -23.95 -29.21 16.86
N VAL A 246 -24.20 -28.37 15.84
CA VAL A 246 -25.50 -28.19 15.20
C VAL A 246 -25.95 -29.53 14.60
N GLN A 247 -25.02 -30.21 13.91
CA GLN A 247 -25.28 -31.51 13.30
C GLN A 247 -25.43 -32.62 14.33
N ASP A 248 -24.70 -32.53 15.43
CA ASP A 248 -24.76 -33.49 16.53
C ASP A 248 -26.10 -33.38 17.26
N PHE A 249 -26.62 -32.15 17.39
CA PHE A 249 -27.91 -31.88 18.02
C PHE A 249 -29.02 -32.48 17.13
N LYS A 250 -28.89 -32.36 15.79
CA LYS A 250 -29.83 -32.95 14.83
C LYS A 250 -29.92 -34.47 15.03
N LYS A 251 -28.76 -35.15 15.13
CA LYS A 251 -28.69 -36.61 15.32
C LYS A 251 -29.24 -37.06 16.66
N LYS A 252 -29.23 -36.18 17.68
CA LYS A 252 -29.71 -36.51 19.02
C LYS A 252 -31.19 -36.19 19.21
N ASN A 253 -31.69 -35.14 18.54
CA ASN A 253 -33.03 -34.63 18.74
C ASN A 253 -33.91 -34.59 17.48
N GLY A 254 -34.00 -35.73 16.81
CA GLY A 254 -34.82 -35.96 15.63
C GLY A 254 -34.83 -34.93 14.52
N GLY A 255 -33.66 -34.39 14.19
CA GLY A 255 -33.53 -33.42 13.10
C GLY A 255 -33.74 -31.96 13.44
N LYS A 256 -33.98 -31.64 14.74
CA LYS A 256 -34.19 -30.25 15.16
C LYS A 256 -32.94 -29.42 14.87
N ASP A 257 -33.14 -28.26 14.21
CA ASP A 257 -32.09 -27.38 13.71
C ASP A 257 -31.88 -26.11 14.55
N VAL A 258 -30.82 -26.13 15.38
CA VAL A 258 -30.38 -25.03 16.23
C VAL A 258 -30.08 -23.76 15.42
N SER A 259 -29.55 -23.92 14.19
CA SER A 259 -29.17 -22.79 13.33
C SER A 259 -30.33 -21.87 12.93
N LYS A 260 -31.57 -22.32 13.11
CA LYS A 260 -32.77 -21.52 12.83
C LYS A 260 -32.92 -20.37 13.89
N ASN A 261 -32.33 -20.53 15.08
CA ASN A 261 -32.39 -19.55 16.17
C ASN A 261 -31.01 -18.94 16.34
N SER A 262 -30.90 -17.64 16.03
CA SER A 262 -29.62 -16.95 16.12
C SER A 262 -29.12 -16.83 17.57
N LYS A 263 -30.02 -16.74 18.56
CA LYS A 263 -29.60 -16.67 19.96
C LYS A 263 -29.01 -18.01 20.39
N SER A 264 -29.61 -19.14 19.94
CA SER A 264 -29.10 -20.48 20.22
C SER A 264 -27.69 -20.64 19.63
N LEU A 265 -27.45 -20.13 18.41
CA LEU A 265 -26.15 -20.23 17.78
C LEU A 265 -25.10 -19.43 18.55
N ARG A 266 -25.45 -18.22 19.00
CA ARG A 266 -24.54 -17.34 19.75
C ARG A 266 -24.13 -17.97 21.06
N ARG A 267 -25.09 -18.59 21.76
CA ARG A 267 -24.83 -19.26 23.03
C ARG A 267 -23.93 -20.48 22.83
N LEU A 268 -24.14 -21.18 21.72
CA LEU A 268 -23.35 -22.36 21.38
C LEU A 268 -21.90 -21.92 21.02
N ARG A 269 -21.76 -20.81 20.29
CA ARG A 269 -20.49 -20.25 19.87
C ARG A 269 -19.63 -19.88 21.08
N THR A 270 -20.23 -19.25 22.10
CA THR A 270 -19.54 -18.90 23.33
C THR A 270 -18.92 -20.12 23.99
N GLN A 271 -19.67 -21.22 24.09
CA GLN A 271 -19.17 -22.46 24.69
C GLN A 271 -18.15 -23.18 23.83
N CYS A 272 -18.26 -23.05 22.51
CA CYS A 272 -17.32 -23.66 21.58
C CYS A 272 -15.96 -22.98 21.70
N GLU A 273 -15.96 -21.63 21.85
CA GLU A 273 -14.73 -20.92 22.01
C GLU A 273 -14.03 -21.33 23.32
N LYS A 274 -14.79 -21.50 24.41
CA LYS A 274 -14.21 -21.91 25.69
C LYS A 274 -13.60 -23.30 25.57
N ALA A 275 -14.30 -24.27 24.96
CA ALA A 275 -13.78 -25.62 24.76
C ALA A 275 -12.51 -25.61 23.90
N LYS A 276 -12.46 -24.78 22.85
CA LYS A 276 -11.28 -24.60 22.00
C LYS A 276 -10.05 -24.21 22.86
N ARG A 277 -10.21 -23.23 23.76
CA ARG A 277 -9.12 -22.80 24.63
C ARG A 277 -8.62 -23.93 25.51
N VAL A 278 -9.54 -24.72 26.12
CA VAL A 278 -9.23 -25.86 26.95
C VAL A 278 -8.39 -26.88 26.17
N LEU A 279 -8.79 -27.15 24.92
CA LEU A 279 -8.10 -28.08 24.03
C LEU A 279 -6.68 -27.68 23.69
N SER A 280 -6.25 -26.44 24.00
CA SER A 280 -4.86 -26.04 23.78
C SER A 280 -3.94 -26.59 24.89
N SER A 281 -4.50 -27.01 26.03
CA SER A 281 -3.72 -27.59 27.14
C SER A 281 -4.22 -28.94 27.61
N SER A 282 -5.41 -29.38 27.17
CA SER A 282 -5.96 -30.70 27.53
C SER A 282 -6.30 -31.51 26.28
N ALA A 283 -6.41 -32.83 26.43
CA ALA A 283 -6.76 -33.72 25.33
C ALA A 283 -8.26 -33.73 25.02
N GLN A 284 -9.09 -33.24 25.94
CA GLN A 284 -10.54 -33.29 25.82
C GLN A 284 -11.17 -32.07 26.49
N ALA A 285 -12.36 -31.72 26.04
CA ALA A 285 -13.14 -30.61 26.59
C ALA A 285 -14.62 -30.91 26.38
N THR A 286 -15.47 -30.29 27.21
CA THR A 286 -16.90 -30.50 27.11
C THR A 286 -17.59 -29.23 26.64
N ILE A 287 -18.49 -29.35 25.66
CA ILE A 287 -19.30 -28.24 25.19
C ILE A 287 -20.68 -28.50 25.77
N GLU A 288 -21.18 -27.59 26.59
CA GLU A 288 -22.44 -27.78 27.29
C GLU A 288 -23.25 -26.50 27.29
N VAL A 289 -24.49 -26.56 26.77
CA VAL A 289 -25.42 -25.44 26.75
C VAL A 289 -26.74 -25.92 27.29
N ASP A 290 -27.14 -25.45 28.48
CA ASP A 290 -28.40 -25.88 29.06
C ASP A 290 -29.54 -25.13 28.37
N SER A 291 -30.60 -25.86 27.96
CA SER A 291 -31.77 -25.31 27.27
C SER A 291 -31.34 -24.51 26.04
N LEU A 292 -30.65 -25.18 25.12
CA LEU A 292 -30.08 -24.60 23.93
C LEU A 292 -31.13 -24.18 22.91
N PHE A 293 -32.06 -25.08 22.60
CA PHE A 293 -33.09 -24.90 21.60
C PHE A 293 -34.29 -25.78 22.02
N ASP A 294 -35.51 -25.20 22.01
CA ASP A 294 -36.72 -25.93 22.40
C ASP A 294 -36.61 -26.52 23.81
N GLY A 295 -35.93 -25.79 24.71
CA GLY A 295 -35.70 -26.22 26.09
C GLY A 295 -34.91 -27.50 26.22
N ILE A 296 -34.23 -27.92 25.15
CA ILE A 296 -33.43 -29.15 25.17
C ILE A 296 -31.99 -28.81 25.55
N ASP A 297 -31.46 -29.54 26.54
CA ASP A 297 -30.09 -29.38 26.99
C ASP A 297 -29.15 -30.00 25.97
N TYR A 298 -27.97 -29.41 25.80
CA TYR A 298 -26.97 -29.94 24.90
C TYR A 298 -25.65 -30.17 25.61
N ASN A 299 -25.02 -31.31 25.33
CA ASN A 299 -23.76 -31.70 25.92
C ASN A 299 -23.01 -32.57 24.92
N VAL A 300 -21.70 -32.36 24.76
CA VAL A 300 -20.86 -33.17 23.87
C VAL A 300 -19.40 -33.10 24.31
N ASN A 301 -18.66 -34.18 24.17
CA ASN A 301 -17.24 -34.19 24.49
C ASN A 301 -16.43 -34.09 23.20
N ILE A 302 -15.47 -33.17 23.14
CA ILE A 302 -14.64 -32.98 21.97
C ILE A 302 -13.20 -33.30 22.32
N THR A 303 -12.59 -34.25 21.61
CA THR A 303 -11.18 -34.55 21.80
C THR A 303 -10.37 -33.54 20.99
N ARG A 304 -9.09 -33.34 21.32
CA ARG A 304 -8.20 -32.44 20.58
C ARG A 304 -8.07 -32.94 19.13
N ALA A 305 -8.01 -34.26 18.94
CA ALA A 305 -7.94 -34.89 17.63
C ALA A 305 -9.17 -34.56 16.79
N LYS A 306 -10.39 -34.52 17.39
CA LYS A 306 -11.61 -34.19 16.64
C LYS A 306 -11.57 -32.74 16.21
N PHE A 307 -11.14 -31.84 17.11
CA PHE A 307 -11.00 -30.41 16.84
C PHE A 307 -10.00 -30.19 15.70
N GLU A 308 -8.87 -30.88 15.74
CA GLU A 308 -7.82 -30.82 14.73
C GLU A 308 -8.33 -31.31 13.37
N GLU A 309 -9.18 -32.34 13.38
CA GLU A 309 -9.78 -32.91 12.17
C GLU A 309 -10.76 -31.89 11.58
N LEU A 310 -11.61 -31.27 12.42
CA LEU A 310 -12.57 -30.27 11.94
C LEU A 310 -11.90 -29.08 11.31
N CYS A 311 -10.74 -28.67 11.84
CA CYS A 311 -10.00 -27.49 11.38
C CYS A 311 -8.80 -27.80 10.49
N MET A 312 -8.59 -29.07 10.14
CA MET A 312 -7.46 -29.59 9.41
C MET A 312 -7.02 -28.76 8.24
N ASP A 313 -7.96 -28.42 7.31
CA ASP A 313 -7.65 -27.65 6.11
C ASP A 313 -7.29 -26.23 6.47
N GLN A 314 -8.05 -25.61 7.35
CA GLN A 314 -7.79 -24.23 7.76
C GLN A 314 -6.43 -24.06 8.43
N PHE A 315 -6.04 -25.01 9.28
CA PHE A 315 -4.74 -25.00 9.96
C PHE A 315 -3.60 -25.13 8.94
N ARG A 316 -3.70 -26.13 8.05
CA ARG A 316 -2.68 -26.40 7.03
C ARG A 316 -2.54 -25.20 6.08
N ASN A 317 -3.66 -24.57 5.69
CA ASN A 317 -3.63 -23.43 4.78
C ASN A 317 -2.98 -22.17 5.38
N THR A 318 -2.68 -22.16 6.70
CA THR A 318 -1.94 -21.03 7.28
C THR A 318 -0.53 -20.97 6.67
N LEU A 319 -0.01 -22.11 6.17
CA LEU A 319 1.31 -22.15 5.55
C LEU A 319 1.34 -21.51 4.16
N ILE A 320 0.19 -21.38 3.48
CA ILE A 320 0.14 -20.81 2.13
C ILE A 320 0.61 -19.34 2.14
N PRO A 321 0.10 -18.45 3.02
CA PRO A 321 0.66 -17.07 3.08
C PRO A 321 2.11 -17.01 3.53
N VAL A 322 2.60 -18.04 4.24
CA VAL A 322 4.00 -18.10 4.64
C VAL A 322 4.84 -18.32 3.37
N GLU A 323 4.43 -19.26 2.53
CA GLU A 323 5.12 -19.53 1.27
C GLU A 323 5.05 -18.31 0.35
N LYS A 324 3.90 -17.63 0.34
CA LYS A 324 3.75 -16.43 -0.48
C LYS A 324 4.70 -15.30 -0.07
N VAL A 325 4.88 -14.98 1.25
CA VAL A 325 5.81 -13.91 1.65
C VAL A 325 7.26 -14.27 1.32
N LEU A 326 7.63 -15.54 1.44
CA LEU A 326 8.98 -15.96 1.13
C LEU A 326 9.22 -15.82 -0.37
N LYS A 327 8.21 -16.17 -1.20
CA LYS A 327 8.28 -16.00 -2.65
C LYS A 327 8.40 -14.51 -3.00
N ASP A 328 7.51 -13.65 -2.47
CA ASP A 328 7.56 -12.20 -2.72
C ASP A 328 8.89 -11.59 -2.30
N ALA A 329 9.45 -12.01 -1.16
CA ALA A 329 10.75 -11.50 -0.72
C ALA A 329 11.93 -12.17 -1.40
N LYS A 330 11.68 -13.12 -2.31
CA LYS A 330 12.69 -13.87 -3.02
C LYS A 330 13.68 -14.56 -2.09
N MET A 331 13.17 -15.27 -1.06
CA MET A 331 14.05 -16.00 -0.15
C MET A 331 13.49 -17.33 0.28
N ASP A 332 14.39 -18.26 0.59
CA ASP A 332 14.14 -19.63 1.02
C ASP A 332 13.77 -19.67 2.49
N LYS A 333 12.92 -20.61 2.91
CA LYS A 333 12.51 -20.72 4.32
C LYS A 333 13.68 -20.94 5.27
N SER A 334 14.78 -21.54 4.77
CA SER A 334 16.01 -21.74 5.53
C SER A 334 16.71 -20.44 5.92
N GLN A 335 16.38 -19.33 5.22
CA GLN A 335 16.96 -18.01 5.48
C GLN A 335 16.27 -17.25 6.63
N VAL A 336 15.15 -17.73 7.12
CA VAL A 336 14.43 -17.09 8.23
C VAL A 336 15.15 -17.43 9.57
N HIS A 337 15.65 -16.37 10.25
CA HIS A 337 16.39 -16.44 11.51
C HIS A 337 15.50 -16.62 12.70
N GLU A 338 14.35 -15.94 12.74
CA GLU A 338 13.39 -16.09 13.84
C GLU A 338 11.99 -16.14 13.30
N ILE A 339 11.15 -17.03 13.85
CA ILE A 339 9.70 -17.14 13.58
C ILE A 339 9.04 -16.71 14.87
N VAL A 340 8.34 -15.59 14.86
CA VAL A 340 7.66 -15.08 16.05
C VAL A 340 6.17 -15.40 16.00
N LEU A 341 5.67 -16.11 17.02
CA LEU A 341 4.25 -16.41 17.11
C LEU A 341 3.51 -15.29 17.84
N VAL A 342 2.52 -14.70 17.19
CA VAL A 342 1.70 -13.60 17.71
C VAL A 342 0.21 -13.96 17.52
N GLY A 343 -0.65 -13.49 18.38
CA GLY A 343 -2.08 -13.74 18.29
C GLY A 343 -2.49 -14.90 19.15
N GLY A 344 -3.63 -14.77 19.83
CA GLY A 344 -4.09 -15.81 20.76
C GLY A 344 -4.29 -17.18 20.13
N SER A 345 -4.57 -17.27 18.79
CA SER A 345 -4.76 -18.58 18.17
C SER A 345 -3.44 -19.36 18.00
N THR A 346 -2.27 -18.69 18.10
CA THR A 346 -1.00 -19.41 18.01
C THR A 346 -0.76 -20.30 19.22
N ARG A 347 -1.67 -20.27 20.27
CA ARG A 347 -1.55 -21.18 21.40
CA ARG A 347 -1.57 -21.18 21.42
C ARG A 347 -2.02 -22.60 21.04
N ILE A 348 -2.69 -22.77 19.88
CA ILE A 348 -3.18 -24.07 19.42
C ILE A 348 -1.99 -24.96 19.09
N PRO A 349 -1.81 -26.08 19.82
CA PRO A 349 -0.66 -26.93 19.54
C PRO A 349 -0.49 -27.36 18.09
N LYS A 350 -1.58 -27.67 17.36
CA LYS A 350 -1.47 -28.09 15.97
C LYS A 350 -0.84 -27.03 15.11
N ILE A 351 -1.20 -25.76 15.34
CA ILE A 351 -0.64 -24.66 14.59
C ILE A 351 0.85 -24.52 14.88
N GLN A 352 1.26 -24.60 16.16
CA GLN A 352 2.67 -24.55 16.52
C GLN A 352 3.46 -25.68 15.86
N GLN A 353 2.90 -26.89 15.81
CA GLN A 353 3.53 -28.05 15.22
C GLN A 353 3.67 -27.87 13.70
N LEU A 354 2.62 -27.37 13.03
CA LEU A 354 2.65 -27.15 11.60
C LEU A 354 3.73 -26.14 11.19
N ILE A 355 3.88 -25.06 11.96
CA ILE A 355 4.88 -24.02 11.71
C ILE A 355 6.29 -24.56 11.92
N LYS A 356 6.51 -25.31 13.00
CA LYS A 356 7.79 -25.87 13.36
C LYS A 356 8.24 -26.85 12.28
N ASP A 357 7.33 -27.74 11.81
CA ASP A 357 7.63 -28.70 10.76
C ASP A 357 7.98 -27.99 9.48
N PHE A 358 7.20 -26.94 9.12
CA PHE A 358 7.45 -26.16 7.91
C PHE A 358 8.85 -25.57 7.92
N PHE A 359 9.25 -25.00 9.07
CA PHE A 359 10.59 -24.42 9.20
C PHE A 359 11.66 -25.46 9.62
N ASN A 360 11.45 -26.72 9.26
CA ASN A 360 12.40 -27.80 9.45
C ASN A 360 12.83 -28.03 10.90
N GLY A 361 11.91 -27.88 11.84
CA GLY A 361 12.19 -28.16 13.24
C GLY A 361 12.68 -26.99 14.06
N LYS A 362 12.76 -25.80 13.45
CA LYS A 362 13.18 -24.60 14.15
C LYS A 362 12.12 -24.23 15.15
N GLU A 363 12.51 -24.01 16.41
CA GLU A 363 11.55 -23.63 17.43
C GLU A 363 11.13 -22.19 17.22
N PRO A 364 9.83 -21.91 17.16
CA PRO A 364 9.41 -20.50 17.05
C PRO A 364 9.58 -19.75 18.37
N LYS A 366 8.02 -17.92 21.12
CA LYS A 366 6.66 -17.83 21.70
C LYS A 366 6.68 -17.58 23.23
N ALA A 367 7.84 -17.18 23.79
CA ALA A 367 7.99 -16.95 25.23
C ALA A 367 7.06 -15.88 25.75
N ILE A 368 6.80 -14.83 24.97
CA ILE A 368 5.88 -13.77 25.38
C ILE A 368 4.49 -14.25 25.00
N ASN A 369 3.49 -14.14 25.94
CA ASN A 369 2.06 -14.46 25.69
C ASN A 369 1.67 -13.87 24.33
N PRO A 370 1.30 -14.71 23.36
CA PRO A 370 1.22 -14.23 21.98
C PRO A 370 0.21 -13.13 21.75
N ASP A 371 -0.83 -13.08 22.57
CA ASP A 371 -1.82 -12.01 22.50
C ASP A 371 -1.39 -10.72 23.25
N GLU A 372 -0.15 -10.69 23.80
CA GLU A 372 0.44 -9.55 24.46
C GLU A 372 1.70 -9.02 23.76
N ALA A 373 2.30 -9.78 22.83
CA ALA A 373 3.56 -9.37 22.19
C ALA A 373 3.53 -8.01 21.47
N VAL A 374 2.42 -7.68 20.81
CA VAL A 374 2.29 -6.41 20.11
C VAL A 374 2.23 -5.23 21.10
N ALA A 375 1.42 -5.33 22.17
CA ALA A 375 1.38 -4.27 23.20
C ALA A 375 2.74 -4.16 23.90
N TYR A 376 3.42 -5.29 24.09
CA TYR A 376 4.73 -5.33 24.74
C TYR A 376 5.73 -4.49 23.92
N GLY A 377 5.79 -4.70 22.61
CA GLY A 377 6.67 -3.96 21.71
C GLY A 377 6.29 -2.50 21.61
N ALA A 378 5.00 -2.19 21.56
CA ALA A 378 4.52 -0.81 21.51
C ALA A 378 4.90 -0.08 22.81
N ALA A 379 4.90 -0.78 23.97
CA ALA A 379 5.27 -0.19 25.26
C ALA A 379 6.75 0.14 25.30
N VAL A 380 7.61 -0.73 24.69
CA VAL A 380 9.05 -0.51 24.63
C VAL A 380 9.29 0.73 23.75
N GLN A 381 8.62 0.80 22.59
CA GLN A 381 8.76 1.93 21.68
C GLN A 381 8.27 3.23 22.33
N ALA A 382 7.18 3.18 23.11
CA ALA A 382 6.67 4.37 23.80
C ALA A 382 7.66 4.89 24.84
N ALA A 383 8.38 3.97 25.51
CA ALA A 383 9.40 4.36 26.51
C ALA A 383 10.59 5.00 25.82
N ILE A 384 11.04 4.40 24.69
CA ILE A 384 12.14 4.94 23.89
C ILE A 384 11.78 6.34 23.39
N LEU A 385 10.60 6.52 22.84
CA LEU A 385 10.15 7.83 22.35
C LEU A 385 9.92 8.86 23.46
N SER A 386 9.85 8.42 24.71
CA SER A 386 9.77 9.29 25.89
C SER A 386 11.15 9.61 26.50
N GLY A 387 12.24 9.14 25.87
CA GLY A 387 13.60 9.39 26.34
C GLY A 387 14.19 8.36 27.29
N ASP A 388 13.49 7.25 27.51
CA ASP A 388 13.96 6.20 28.40
C ASP A 388 14.69 5.12 27.60
N GLN A 389 16.02 5.04 27.70
CA GLN A 389 16.80 4.06 26.94
C GLN A 389 17.10 2.78 27.75
N SER A 390 16.37 2.51 28.86
CA SER A 390 16.65 1.38 29.75
C SER A 390 16.35 0.00 29.18
N SER A 391 15.44 -0.10 28.20
CA SER A 391 15.09 -1.40 27.60
C SER A 391 16.25 -1.99 26.75
N ALA A 392 17.22 -1.16 26.33
CA ALA A 392 18.39 -1.56 25.55
C ALA A 392 19.65 -1.70 26.41
N GLU B 7 0.63 21.40 7.76
CA GLU B 7 1.61 20.38 8.12
C GLU B 7 1.75 19.32 7.03
N VAL B 8 0.68 19.06 6.26
CA VAL B 8 0.79 18.07 5.19
C VAL B 8 1.40 18.71 3.93
N ALA B 9 2.52 18.13 3.50
CA ALA B 9 3.25 18.45 2.30
C ALA B 9 3.14 17.24 1.38
N ILE B 10 3.21 17.47 0.07
CA ILE B 10 3.12 16.40 -0.92
C ILE B 10 4.41 16.31 -1.74
N GLY B 11 4.62 15.16 -2.35
CA GLY B 11 5.72 14.96 -3.27
C GLY B 11 5.11 14.75 -4.63
N ILE B 12 5.64 15.41 -5.64
CA ILE B 12 5.11 15.32 -6.99
C ILE B 12 6.21 14.97 -7.96
N ASP B 13 6.01 13.89 -8.71
CA ASP B 13 6.83 13.54 -9.84
C ASP B 13 6.13 14.25 -11.03
N LEU B 14 6.75 15.31 -11.58
CA LEU B 14 6.21 16.01 -12.76
C LEU B 14 6.90 15.36 -13.94
N GLY B 15 6.28 14.32 -14.48
CA GLY B 15 6.88 13.52 -15.54
C GLY B 15 6.67 14.03 -16.94
N THR B 16 7.49 13.57 -17.90
CA THR B 16 7.33 13.97 -19.28
C THR B 16 5.97 13.48 -19.82
N THR B 17 5.62 12.22 -19.52
CA THR B 17 4.39 11.61 -20.01
C THR B 17 3.35 11.45 -18.88
N TYR B 18 3.76 11.05 -17.65
CA TYR B 18 2.82 10.88 -16.52
C TYR B 18 3.33 11.55 -15.27
N SER B 19 2.45 12.15 -14.50
CA SER B 19 2.78 12.74 -13.21
C SER B 19 2.17 11.89 -12.09
N CYS B 20 2.69 12.01 -10.89
CA CYS B 20 2.26 11.17 -9.77
C CYS B 20 2.39 11.98 -8.47
N VAL B 21 1.44 11.83 -7.55
CA VAL B 21 1.47 12.56 -6.28
C VAL B 21 1.39 11.63 -5.09
N GLY B 22 2.23 11.87 -4.09
CA GLY B 22 2.25 11.06 -2.89
C GLY B 22 2.29 11.90 -1.65
N ILE B 23 1.93 11.26 -0.51
CA ILE B 23 2.02 11.87 0.82
C ILE B 23 2.67 10.87 1.74
N CYS B 24 3.60 11.32 2.58
CA CYS B 24 4.23 10.47 3.59
C CYS B 24 3.70 10.94 4.92
N ARG B 25 3.21 10.02 5.73
CA ARG B 25 2.56 10.37 6.98
C ARG B 25 2.41 9.10 7.79
N ASN B 26 2.73 9.15 9.09
CA ASN B 26 2.66 7.96 9.96
C ASN B 26 3.63 6.87 9.54
N GLY B 27 4.73 7.29 8.90
CA GLY B 27 5.80 6.40 8.48
C GLY B 27 5.55 5.69 7.19
N VAL B 28 4.40 5.96 6.53
CA VAL B 28 4.10 5.31 5.27
C VAL B 28 3.81 6.30 4.17
N VAL B 29 4.01 5.86 2.91
CA VAL B 29 3.74 6.68 1.73
C VAL B 29 2.50 6.19 1.02
N ASP B 30 1.58 7.09 0.78
CA ASP B 30 0.40 6.82 0.00
C ASP B 30 0.52 7.58 -1.35
N ILE B 31 0.42 6.82 -2.44
CA ILE B 31 0.37 7.38 -3.77
C ILE B 31 -1.12 7.61 -4.04
N ILE B 32 -1.51 8.83 -4.35
CA ILE B 32 -2.93 9.19 -4.44
C ILE B 32 -3.54 9.05 -5.84
N ALA B 33 -4.64 8.29 -5.93
CA ALA B 33 -5.37 8.05 -7.17
C ALA B 33 -6.18 9.28 -7.57
N ASN B 34 -6.31 9.52 -8.88
CA ASN B 34 -7.09 10.64 -9.40
C ASN B 34 -8.61 10.24 -9.51
N ASP B 35 -9.45 11.09 -10.17
CA ASP B 35 -10.89 10.90 -10.40
C ASP B 35 -11.22 9.59 -11.06
N GLN B 36 -10.37 9.11 -11.95
CA GLN B 36 -10.61 7.86 -12.66
C GLN B 36 -10.01 6.63 -11.96
N GLY B 37 -9.47 6.81 -10.74
CA GLY B 37 -8.84 5.75 -9.97
C GLY B 37 -7.41 5.44 -10.43
N ASN B 38 -6.82 6.31 -11.25
CA ASN B 38 -5.47 6.09 -11.76
C ASN B 38 -4.42 6.68 -10.83
N ARG B 39 -3.40 5.89 -10.50
CA ARG B 39 -2.34 6.29 -9.57
C ARG B 39 -1.29 7.23 -10.18
N THR B 40 -1.32 7.38 -11.53
CA THR B 40 -0.55 8.34 -12.30
C THR B 40 -1.52 9.06 -13.26
N THR B 41 -1.17 10.29 -13.64
CA THR B 41 -2.01 11.13 -14.47
C THR B 41 -1.20 11.65 -15.64
N PRO B 42 -1.69 11.51 -16.90
CA PRO B 42 -0.94 12.02 -18.04
C PRO B 42 -0.63 13.51 -17.92
N SER B 43 0.60 13.90 -18.29
CA SER B 43 1.04 15.29 -18.25
C SER B 43 0.52 15.98 -19.53
N TYR B 44 -0.80 15.95 -19.69
CA TYR B 44 -1.49 16.49 -20.88
C TYR B 44 -2.44 17.58 -20.49
N VAL B 45 -2.49 18.64 -21.30
CA VAL B 45 -3.43 19.74 -21.15
C VAL B 45 -4.10 19.97 -22.52
N ALA B 46 -5.42 19.95 -22.60
CA ALA B 46 -6.14 20.14 -23.85
C ALA B 46 -7.10 21.31 -23.76
N PHE B 47 -7.31 21.99 -24.88
CA PHE B 47 -8.23 23.12 -24.97
C PHE B 47 -9.24 22.80 -26.07
N THR B 48 -10.54 22.86 -25.76
CA THR B 48 -11.65 22.57 -26.69
C THR B 48 -12.49 23.88 -26.91
N ASP B 49 -13.63 23.77 -27.61
CA ASP B 49 -14.52 24.91 -27.80
C ASP B 49 -15.17 25.32 -26.47
N THR B 50 -15.26 24.41 -25.47
CA THR B 50 -15.93 24.72 -24.20
C THR B 50 -15.07 24.64 -22.96
N GLU B 51 -14.05 23.76 -22.94
CA GLU B 51 -13.31 23.54 -21.70
C GLU B 51 -11.81 23.30 -21.85
N ARG B 52 -11.10 23.43 -20.73
CA ARG B 52 -9.71 23.13 -20.57
C ARG B 52 -9.67 21.80 -19.80
N LEU B 53 -9.15 20.75 -20.43
CA LEU B 53 -9.03 19.40 -19.88
C LEU B 53 -7.61 19.14 -19.42
N ILE B 54 -7.44 18.44 -18.30
CA ILE B 54 -6.10 18.11 -17.78
C ILE B 54 -6.07 16.64 -17.37
N GLY B 55 -5.01 15.95 -17.72
CA GLY B 55 -4.82 14.57 -17.34
C GLY B 55 -5.46 13.57 -18.26
N ASP B 56 -6.15 12.57 -17.67
CA ASP B 56 -6.80 11.51 -18.45
C ASP B 56 -7.78 12.06 -19.49
N ALA B 57 -8.59 13.06 -19.12
CA ALA B 57 -9.56 13.63 -20.07
C ALA B 57 -8.84 14.26 -21.27
N ALA B 58 -7.70 14.92 -21.03
CA ALA B 58 -6.91 15.52 -22.11
C ALA B 58 -6.29 14.44 -23.00
N LYS B 59 -5.65 13.42 -22.40
CA LYS B 59 -5.06 12.33 -23.20
C LYS B 59 -6.12 11.57 -24.00
N ASN B 60 -7.31 11.32 -23.42
CA ASN B 60 -8.38 10.57 -24.06
C ASN B 60 -8.90 11.21 -25.35
N GLN B 61 -8.95 12.55 -25.43
CA GLN B 61 -9.43 13.21 -26.65
C GLN B 61 -8.30 13.68 -27.58
N ALA B 62 -7.03 13.29 -27.33
CA ALA B 62 -5.89 13.72 -28.12
C ALA B 62 -6.01 13.42 -29.60
N SER B 63 -6.52 12.23 -30.00
CA SER B 63 -6.62 11.89 -31.42
C SER B 63 -7.72 12.69 -32.14
N ARG B 64 -8.73 13.15 -31.40
CA ARG B 64 -9.81 13.99 -31.96
C ARG B 64 -9.43 15.46 -32.03
N ASN B 65 -8.45 15.90 -31.22
CA ASN B 65 -8.06 17.31 -31.11
C ASN B 65 -6.53 17.42 -31.01
N PRO B 66 -5.78 16.90 -31.99
CA PRO B 66 -4.31 16.90 -31.89
C PRO B 66 -3.64 18.27 -31.78
N GLU B 67 -4.18 19.24 -32.47
CA GLU B 67 -3.62 20.57 -32.55
C GLU B 67 -3.71 21.36 -31.24
N ASN B 68 -4.72 21.06 -30.43
CA ASN B 68 -5.00 21.76 -29.18
C ASN B 68 -4.77 20.91 -27.92
N THR B 69 -4.06 19.79 -28.06
CA THR B 69 -3.74 18.92 -26.95
C THR B 69 -2.23 19.02 -26.78
N VAL B 70 -1.82 19.61 -25.66
CA VAL B 70 -0.43 19.84 -25.34
C VAL B 70 0.09 18.77 -24.40
N PHE B 71 1.27 18.24 -24.69
CA PHE B 71 2.02 17.27 -23.89
C PHE B 71 3.53 17.58 -24.11
N ASP B 72 4.44 16.88 -23.45
CA ASP B 72 5.87 17.10 -23.63
C ASP B 72 6.35 18.50 -23.26
N ALA B 73 5.57 19.24 -22.44
CA ALA B 73 6.02 20.58 -22.02
C ALA B 73 7.33 20.50 -21.23
N LYS B 74 7.60 19.37 -20.54
CA LYS B 74 8.85 19.15 -19.83
C LYS B 74 10.07 19.25 -20.77
N ARG B 75 9.89 18.94 -22.07
CA ARG B 75 11.00 19.07 -23.02
C ARG B 75 11.31 20.53 -23.36
N LEU B 76 10.36 21.45 -23.12
CA LEU B 76 10.48 22.86 -23.43
C LEU B 76 10.74 23.72 -22.20
N ILE B 77 10.35 23.26 -21.01
CA ILE B 77 10.45 24.05 -19.76
C ILE B 77 11.89 24.51 -19.49
N GLY B 78 12.06 25.81 -19.26
CA GLY B 78 13.37 26.38 -19.00
C GLY B 78 14.30 26.51 -20.20
N ARG B 79 13.82 26.19 -21.41
CA ARG B 79 14.64 26.26 -22.60
C ARG B 79 14.36 27.49 -23.44
N LYS B 80 15.34 27.95 -24.22
CA LYS B 80 15.17 29.00 -25.21
C LYS B 80 14.65 28.28 -26.45
N PHE B 81 13.73 28.90 -27.18
CA PHE B 81 13.17 28.34 -28.40
C PHE B 81 14.24 28.00 -29.43
N SER B 82 15.34 28.79 -29.47
CA SER B 82 16.43 28.57 -30.41
C SER B 82 17.30 27.34 -30.12
N GLU B 83 17.19 26.71 -28.95
CA GLU B 83 17.98 25.51 -28.63
C GLU B 83 17.77 24.41 -29.68
N THR B 84 18.84 23.73 -30.13
CA THR B 84 18.69 22.70 -31.16
C THR B 84 17.78 21.56 -30.72
N THR B 85 17.74 21.25 -29.40
CA THR B 85 16.83 20.21 -28.91
C THR B 85 15.37 20.61 -29.20
N VAL B 86 15.01 21.90 -29.03
CA VAL B 86 13.66 22.41 -29.29
C VAL B 86 13.29 22.30 -30.77
N GLN B 87 14.22 22.66 -31.67
CA GLN B 87 14.01 22.61 -33.12
C GLN B 87 13.80 21.20 -33.60
N SER B 88 14.56 20.26 -33.03
CA SER B 88 14.48 18.86 -33.38
C SER B 88 13.19 18.23 -32.81
N ASP B 89 12.93 18.42 -31.50
CA ASP B 89 11.77 17.87 -30.81
C ASP B 89 10.43 18.31 -31.40
N MET B 90 10.32 19.60 -31.79
CA MET B 90 9.05 20.17 -32.25
C MET B 90 8.50 19.56 -33.50
N LYS B 91 9.35 18.90 -34.30
CA LYS B 91 8.90 18.20 -35.51
C LYS B 91 8.01 16.98 -35.17
N HIS B 92 8.03 16.50 -33.93
CA HIS B 92 7.23 15.35 -33.51
C HIS B 92 5.92 15.76 -32.77
N TRP B 93 5.65 17.07 -32.65
CA TRP B 93 4.45 17.53 -31.97
C TRP B 93 3.40 18.01 -32.93
N PRO B 94 2.12 17.67 -32.69
CA PRO B 94 1.06 18.19 -33.55
C PRO B 94 0.69 19.65 -33.21
N PHE B 95 1.01 20.11 -32.01
CA PHE B 95 0.68 21.48 -31.59
C PHE B 95 1.79 22.44 -32.05
N THR B 96 1.42 23.73 -32.18
CA THR B 96 2.32 24.76 -32.64
C THR B 96 3.16 25.37 -31.52
N VAL B 97 4.46 25.47 -31.73
CA VAL B 97 5.37 26.11 -30.78
C VAL B 97 6.17 27.12 -31.55
N LYS B 98 6.16 28.39 -31.09
CA LYS B 98 6.89 29.52 -31.69
C LYS B 98 7.77 30.18 -30.62
N GLY B 99 8.68 31.03 -31.04
CA GLY B 99 9.55 31.74 -30.11
C GLY B 99 9.08 33.16 -29.87
N GLY B 100 9.00 33.53 -28.60
CA GLY B 100 8.64 34.88 -28.19
C GLY B 100 9.79 35.84 -28.38
N SER B 101 9.56 37.16 -28.19
CA SER B 101 10.64 38.15 -28.38
C SER B 101 11.79 37.98 -27.36
N ASP B 102 11.45 37.46 -26.17
CA ASP B 102 12.41 37.12 -25.12
C ASP B 102 13.10 35.74 -25.34
N GLY B 103 12.80 35.06 -26.45
CA GLY B 103 13.39 33.77 -26.77
C GLY B 103 12.72 32.60 -26.06
N LYS B 104 11.65 32.84 -25.29
CA LYS B 104 10.95 31.74 -24.61
C LYS B 104 9.98 31.06 -25.55
N PRO B 105 9.84 29.72 -25.47
CA PRO B 105 8.84 29.03 -26.29
C PRO B 105 7.43 29.45 -25.89
N MET B 106 6.55 29.59 -26.88
CA MET B 106 5.14 29.91 -26.72
C MET B 106 4.37 28.78 -27.41
N ILE B 107 3.54 28.08 -26.66
CA ILE B 107 2.73 26.99 -27.20
C ILE B 107 1.41 27.61 -27.62
N GLU B 108 1.04 27.50 -28.90
CA GLU B 108 -0.19 28.10 -29.43
C GLU B 108 -1.30 27.10 -29.63
N VAL B 109 -2.47 27.37 -29.07
CA VAL B 109 -3.65 26.52 -29.19
C VAL B 109 -4.86 27.40 -29.46
N SER B 110 -5.97 26.79 -29.84
CA SER B 110 -7.25 27.45 -29.99
C SER B 110 -8.10 26.97 -28.78
N TYR B 111 -8.68 27.91 -28.03
CA TYR B 111 -9.48 27.63 -26.84
C TYR B 111 -10.72 28.50 -26.92
N GLN B 112 -11.92 27.87 -27.03
CA GLN B 112 -13.19 28.58 -27.15
C GLN B 112 -13.22 29.52 -28.36
N GLY B 113 -12.68 29.03 -29.47
CA GLY B 113 -12.62 29.77 -30.73
C GLY B 113 -11.64 30.93 -30.75
N GLU B 114 -10.70 30.96 -29.81
CA GLU B 114 -9.71 32.03 -29.75
C GLU B 114 -8.27 31.49 -29.67
N LYS B 115 -7.33 32.16 -30.32
CA LYS B 115 -5.91 31.80 -30.27
C LYS B 115 -5.34 32.19 -28.89
N LYS B 116 -4.75 31.21 -28.20
CA LYS B 116 -4.13 31.40 -26.89
C LYS B 116 -2.70 30.89 -26.95
N THR B 117 -1.77 31.57 -26.25
CA THR B 117 -0.37 31.16 -26.16
C THR B 117 0.02 30.92 -24.73
N PHE B 118 0.85 29.91 -24.47
CA PHE B 118 1.29 29.56 -23.12
C PHE B 118 2.77 29.27 -23.07
N HIS B 119 3.42 29.65 -21.99
CA HIS B 119 4.83 29.32 -21.77
C HIS B 119 4.83 27.87 -21.26
N PRO B 120 5.93 27.13 -21.47
CA PRO B 120 5.98 25.74 -20.99
C PRO B 120 5.63 25.59 -19.50
N GLU B 121 6.11 26.51 -18.65
CA GLU B 121 5.83 26.48 -17.21
C GLU B 121 4.37 26.75 -16.91
N GLU B 122 3.63 27.41 -17.80
CA GLU B 122 2.19 27.59 -17.61
C GLU B 122 1.46 26.26 -17.85
N ILE B 123 1.87 25.49 -18.86
CA ILE B 123 1.28 24.20 -19.11
C ILE B 123 1.61 23.26 -17.94
N SER B 124 2.87 23.25 -17.50
CA SER B 124 3.30 22.42 -16.37
C SER B 124 2.62 22.83 -15.07
N SER B 125 2.34 24.13 -14.88
CA SER B 125 1.61 24.62 -13.69
C SER B 125 0.19 23.99 -13.67
N MET B 126 -0.45 23.78 -14.84
CA MET B 126 -1.78 23.19 -14.90
C MET B 126 -1.75 21.71 -14.51
N VAL B 127 -0.66 21.01 -14.86
CA VAL B 127 -0.49 19.61 -14.48
C VAL B 127 -0.25 19.53 -12.96
N LEU B 128 0.58 20.43 -12.43
CA LEU B 128 0.88 20.51 -11.00
C LEU B 128 -0.37 20.85 -10.20
N LYS B 129 -1.21 21.74 -10.72
CA LYS B 129 -2.46 22.14 -10.08
C LYS B 129 -3.42 20.98 -10.03
N LYS B 130 -3.48 20.15 -11.09
CA LYS B 130 -4.31 18.96 -11.10
C LYS B 130 -3.80 17.98 -10.03
N MET B 131 -2.46 17.79 -9.91
CA MET B 131 -1.89 16.88 -8.90
C MET B 131 -2.15 17.38 -7.48
N LYS B 132 -2.08 18.70 -7.27
CA LYS B 132 -2.40 19.35 -6.00
C LYS B 132 -3.87 19.04 -5.65
N GLU B 133 -4.80 19.22 -6.63
CA GLU B 133 -6.22 18.96 -6.44
C GLU B 133 -6.51 17.48 -6.15
N VAL B 134 -5.73 16.57 -6.75
CA VAL B 134 -5.88 15.13 -6.52
C VAL B 134 -5.59 14.84 -5.04
N ALA B 135 -4.53 15.47 -4.49
CA ALA B 135 -4.19 15.30 -3.08
C ALA B 135 -5.24 15.97 -2.17
N GLU B 136 -5.72 17.16 -2.55
CA GLU B 136 -6.73 17.90 -1.78
C GLU B 136 -8.06 17.17 -1.67
N THR B 137 -8.51 16.51 -2.76
CA THR B 137 -9.73 15.71 -2.76
C THR B 137 -9.58 14.54 -1.77
N TYR B 138 -8.41 13.90 -1.79
CA TYR B 138 -8.14 12.79 -0.90
C TYR B 138 -8.07 13.26 0.58
N LEU B 139 -7.32 14.34 0.86
CA LEU B 139 -7.15 14.82 2.21
C LEU B 139 -8.35 15.58 2.79
N GLY B 140 -9.17 16.17 1.92
CA GLY B 140 -10.29 17.00 2.34
C GLY B 140 -9.82 18.31 2.96
N LYS B 141 -8.56 18.71 2.67
CA LYS B 141 -7.93 19.93 3.20
C LYS B 141 -7.07 20.52 2.08
N PRO B 142 -6.87 21.84 2.08
CA PRO B 142 -5.96 22.44 1.08
C PRO B 142 -4.50 22.00 1.33
N VAL B 143 -3.71 21.91 0.26
CA VAL B 143 -2.30 21.51 0.28
C VAL B 143 -1.49 22.69 -0.24
N LYS B 144 -0.47 23.13 0.51
CA LYS B 144 0.34 24.26 0.07
C LYS B 144 1.77 23.90 -0.20
N ASN B 145 2.36 23.03 0.60
CA ASN B 145 3.77 22.68 0.44
C ASN B 145 4.00 21.44 -0.43
N ALA B 146 5.09 21.45 -1.19
CA ALA B 146 5.42 20.33 -2.07
C ALA B 146 6.89 20.26 -2.38
N VAL B 147 7.35 19.05 -2.63
CA VAL B 147 8.67 18.79 -3.18
C VAL B 147 8.36 18.32 -4.62
N ILE B 148 9.00 18.95 -5.61
CA ILE B 148 8.84 18.57 -7.01
C ILE B 148 10.19 18.03 -7.52
N THR B 149 10.14 16.96 -8.31
CA THR B 149 11.34 16.34 -8.84
C THR B 149 11.62 16.81 -10.26
N VAL B 150 12.89 16.76 -10.67
CA VAL B 150 13.37 17.08 -12.01
C VAL B 150 14.48 16.08 -12.36
N PRO B 151 14.77 15.85 -13.66
CA PRO B 151 15.91 14.99 -14.03
C PRO B 151 17.22 15.59 -13.52
N ALA B 152 18.18 14.73 -13.17
CA ALA B 152 19.46 15.17 -12.64
C ALA B 152 20.25 16.05 -13.60
N TYR B 153 20.01 15.93 -14.92
CA TYR B 153 20.73 16.75 -15.91
C TYR B 153 20.09 18.14 -16.12
N PHE B 154 18.92 18.42 -15.48
CA PHE B 154 18.27 19.72 -15.61
C PHE B 154 19.18 20.82 -15.12
N ASN B 155 19.32 21.89 -15.91
CA ASN B 155 20.16 23.03 -15.56
C ASN B 155 19.38 24.00 -14.65
N ASP B 156 20.02 25.09 -14.23
CA ASP B 156 19.39 26.08 -13.36
C ASP B 156 18.13 26.69 -13.97
N SER B 157 18.13 26.92 -15.29
CA SER B 157 16.98 27.51 -15.96
C SER B 157 15.77 26.57 -15.92
N GLN B 158 15.99 25.29 -16.21
CA GLN B 158 14.97 24.27 -16.20
C GLN B 158 14.44 24.05 -14.78
N ARG B 159 15.32 24.08 -13.78
CA ARG B 159 14.91 23.93 -12.38
C ARG B 159 14.09 25.11 -11.92
N GLN B 160 14.55 26.33 -12.23
CA GLN B 160 13.85 27.54 -11.85
C GLN B 160 12.46 27.61 -12.51
N ALA B 161 12.36 27.21 -13.78
CA ALA B 161 11.09 27.21 -14.50
C ALA B 161 10.11 26.19 -13.92
N THR B 162 10.64 25.05 -13.44
CA THR B 162 9.80 24.04 -12.78
C THR B 162 9.30 24.59 -11.44
N LYS B 163 10.17 25.29 -10.69
CA LYS B 163 9.82 25.92 -9.41
C LYS B 163 8.72 26.97 -9.66
N ASP B 164 8.87 27.80 -10.71
CA ASP B 164 7.90 28.81 -11.13
C ASP B 164 6.56 28.17 -11.48
N ALA B 165 6.56 27.01 -12.19
CA ALA B 165 5.35 26.27 -12.50
C ALA B 165 4.61 25.89 -11.19
N GLY B 166 5.37 25.49 -10.16
CA GLY B 166 4.81 25.15 -8.85
C GLY B 166 4.19 26.37 -8.19
N ALA B 167 4.88 27.52 -8.22
CA ALA B 167 4.35 28.77 -7.67
C ALA B 167 3.07 29.17 -8.41
N ILE B 168 3.02 29.05 -9.74
CA ILE B 168 1.82 29.38 -10.52
C ILE B 168 0.66 28.47 -10.13
N ALA B 169 0.95 27.20 -9.83
CA ALA B 169 -0.04 26.23 -9.38
C ALA B 169 -0.55 26.46 -7.92
N GLY B 170 0.03 27.43 -7.21
CA GLY B 170 -0.33 27.74 -5.82
C GLY B 170 0.44 26.95 -4.79
N LEU B 171 1.58 26.34 -5.17
CA LEU B 171 2.37 25.54 -4.27
C LEU B 171 3.55 26.29 -3.75
N ASN B 172 3.91 26.05 -2.50
CA ASN B 172 5.12 26.57 -1.87
C ASN B 172 6.10 25.42 -2.07
N VAL B 173 7.04 25.60 -2.98
CA VAL B 173 7.98 24.54 -3.34
C VAL B 173 9.10 24.50 -2.36
N LEU B 174 9.04 23.53 -1.42
CA LEU B 174 10.06 23.37 -0.39
C LEU B 174 11.42 23.08 -0.98
N ARG B 175 11.45 22.30 -2.06
CA ARG B 175 12.67 21.96 -2.73
C ARG B 175 12.39 21.26 -4.04
N ILE B 176 13.32 21.43 -4.97
CA ILE B 176 13.38 20.75 -6.25
C ILE B 176 14.46 19.69 -6.03
N ILE B 177 14.14 18.42 -6.22
CA ILE B 177 15.15 17.36 -6.03
C ILE B 177 15.28 16.52 -7.29
N ASN B 178 16.40 15.83 -7.45
CA ASN B 178 16.65 14.98 -8.61
C ASN B 178 15.81 13.73 -8.56
N GLU B 179 15.30 13.34 -9.71
CA GLU B 179 14.49 12.14 -9.85
C GLU B 179 15.22 10.87 -9.38
N PRO B 180 16.47 10.62 -9.80
CA PRO B 180 17.17 9.41 -9.34
C PRO B 180 17.36 9.40 -7.82
N THR B 181 17.65 10.56 -7.24
CA THR B 181 17.83 10.70 -5.79
C THR B 181 16.51 10.40 -5.09
N ALA B 182 15.38 10.88 -5.63
CA ALA B 182 14.04 10.62 -5.08
C ALA B 182 13.76 9.11 -5.09
N ALA B 183 14.13 8.40 -6.15
CA ALA B 183 13.96 6.96 -6.22
C ALA B 183 14.81 6.23 -5.18
N ALA B 184 16.04 6.69 -4.93
CA ALA B 184 16.91 6.08 -3.94
C ALA B 184 16.37 6.33 -2.52
N ILE B 185 15.79 7.55 -2.29
CA ILE B 185 15.18 7.90 -1.00
C ILE B 185 13.98 6.99 -0.76
N ALA B 186 13.18 6.70 -1.79
CA ALA B 186 12.00 5.83 -1.69
C ALA B 186 12.35 4.48 -1.13
N TYR B 187 13.49 3.91 -1.55
CA TYR B 187 13.91 2.61 -1.07
C TYR B 187 14.67 2.65 0.27
N GLY B 188 14.80 3.81 0.89
CA GLY B 188 15.49 3.96 2.16
C GLY B 188 16.95 3.57 2.08
N LEU B 189 17.55 3.74 0.89
CA LEU B 189 18.95 3.38 0.69
C LEU B 189 19.91 4.27 1.48
N ASP B 190 19.44 5.49 1.87
CA ASP B 190 20.22 6.40 2.72
C ASP B 190 20.24 5.92 4.19
N LYS B 191 19.20 5.22 4.63
CA LYS B 191 19.09 4.78 6.01
C LYS B 191 19.63 3.36 6.21
N LYS B 192 20.71 2.97 5.48
CA LYS B 192 21.27 1.63 5.64
C LYS B 192 22.73 1.61 6.14
N GLY B 195 28.61 0.83 4.72
CA GLY B 195 29.20 2.16 4.58
C GLY B 195 28.66 2.95 3.41
N GLU B 196 29.57 3.35 2.49
CA GLU B 196 29.24 4.11 1.25
C GLU B 196 28.56 3.15 0.26
N GLN B 197 27.59 3.65 -0.49
CA GLN B 197 26.86 2.78 -1.43
C GLN B 197 26.83 3.35 -2.85
N ASN B 198 27.05 2.49 -3.85
CA ASN B 198 26.99 2.82 -5.27
C ASN B 198 25.63 2.31 -5.78
N ILE B 199 24.72 3.22 -6.13
CA ILE B 199 23.36 2.90 -6.56
C ILE B 199 23.17 3.26 -8.02
N LEU B 200 22.71 2.30 -8.84
CA LEU B 200 22.39 2.59 -10.23
C LEU B 200 20.87 2.69 -10.39
N ILE B 201 20.37 3.87 -10.82
CA ILE B 201 18.97 4.11 -11.08
C ILE B 201 18.75 3.90 -12.57
N PHE B 202 17.90 2.93 -12.94
CA PHE B 202 17.57 2.64 -14.33
C PHE B 202 16.13 3.12 -14.52
N ASP B 203 15.98 4.28 -15.15
CA ASP B 203 14.69 4.92 -15.31
C ASP B 203 14.24 4.94 -16.78
N LEU B 204 13.28 4.08 -17.14
CA LEU B 204 12.79 4.00 -18.50
C LEU B 204 11.30 4.30 -18.47
N GLY B 205 10.93 5.52 -18.86
CA GLY B 205 9.56 5.98 -18.81
C GLY B 205 8.84 5.91 -20.14
N GLY B 206 7.99 6.90 -20.38
CA GLY B 206 7.18 7.03 -21.58
C GLY B 206 7.92 7.61 -22.76
N GLY B 207 8.76 8.59 -22.50
CA GLY B 207 9.52 9.23 -23.57
C GLY B 207 11.02 9.28 -23.44
N THR B 208 11.53 9.10 -22.21
CA THR B 208 12.97 9.21 -21.93
C THR B 208 13.52 8.01 -21.17
N PHE B 209 14.83 7.83 -21.27
CA PHE B 209 15.59 6.80 -20.59
C PHE B 209 16.75 7.51 -19.89
N ASP B 210 16.81 7.39 -18.57
CA ASP B 210 17.86 8.02 -17.77
C ASP B 210 18.51 6.98 -16.88
N VAL B 211 19.83 6.89 -16.95
CA VAL B 211 20.61 6.02 -16.07
C VAL B 211 21.46 6.94 -15.21
N SER B 212 21.42 6.76 -13.89
CA SER B 212 22.19 7.59 -12.97
C SER B 212 22.93 6.72 -11.97
N LEU B 213 24.21 7.02 -11.73
CA LEU B 213 24.97 6.31 -10.70
C LEU B 213 25.16 7.29 -9.55
N LEU B 214 24.58 6.96 -8.41
CA LEU B 214 24.63 7.76 -7.20
C LEU B 214 25.57 7.12 -6.18
N THR B 215 26.05 7.95 -5.26
CA THR B 215 26.88 7.54 -4.14
C THR B 215 26.31 8.14 -2.87
N LEU B 216 26.39 7.38 -1.77
CA LEU B 216 25.90 7.81 -0.48
C LEU B 216 27.07 8.07 0.46
N GLU B 217 27.62 9.30 0.43
CA GLU B 217 28.73 9.63 1.34
C GLU B 217 28.18 10.26 2.61
N ASP B 218 28.21 9.51 3.75
CA ASP B 218 27.71 9.92 5.06
C ASP B 218 26.23 10.37 5.01
N GLY B 219 25.35 9.49 4.53
CA GLY B 219 23.92 9.80 4.42
C GLY B 219 23.53 10.83 3.38
N ILE B 220 24.52 11.45 2.73
CA ILE B 220 24.28 12.47 1.71
C ILE B 220 24.41 11.83 0.34
N PHE B 221 23.45 12.12 -0.57
CA PHE B 221 23.45 11.58 -1.93
C PHE B 221 24.24 12.46 -2.87
N GLU B 222 25.03 11.86 -3.77
CA GLU B 222 25.79 12.59 -4.78
C GLU B 222 25.57 11.89 -6.11
N VAL B 223 25.28 12.65 -7.17
CA VAL B 223 25.13 12.10 -8.51
C VAL B 223 26.51 12.04 -9.14
N LYS B 224 27.10 10.83 -9.24
CA LYS B 224 28.43 10.65 -9.80
C LYS B 224 28.46 10.72 -11.32
N ALA B 225 27.49 10.10 -11.99
CA ALA B 225 27.44 10.08 -13.46
C ALA B 225 26.03 9.86 -13.93
N THR B 226 25.66 10.47 -15.06
CA THR B 226 24.35 10.27 -15.67
C THR B 226 24.53 10.05 -17.17
N SER B 227 23.63 9.28 -17.76
CA SER B 227 23.60 9.04 -19.20
C SER B 227 22.19 8.55 -19.57
N GLY B 228 21.99 8.16 -20.82
CA GLY B 228 20.69 7.68 -21.26
C GLY B 228 20.39 8.08 -22.68
N ASP B 229 19.11 8.31 -22.95
CA ASP B 229 18.63 8.68 -24.25
C ASP B 229 17.33 9.42 -24.02
N THR B 230 17.32 10.75 -24.32
CA THR B 230 16.13 11.58 -24.18
C THR B 230 15.01 11.22 -25.18
N HIS B 231 15.27 10.31 -26.12
CA HIS B 231 14.30 9.88 -27.11
C HIS B 231 14.16 8.35 -27.19
N LEU B 232 14.16 7.69 -26.02
CA LEU B 232 13.91 6.26 -25.89
C LEU B 232 13.02 6.05 -24.69
N GLY B 233 11.85 5.50 -24.93
CA GLY B 233 10.88 5.19 -23.89
C GLY B 233 9.77 4.33 -24.42
N GLY B 234 8.73 4.15 -23.62
CA GLY B 234 7.59 3.33 -23.98
C GLY B 234 6.94 3.68 -25.29
N GLU B 235 6.86 4.98 -25.64
CA GLU B 235 6.23 5.40 -26.90
C GLU B 235 6.97 4.83 -28.14
N ASP B 236 8.28 4.57 -28.02
CA ASP B 236 9.07 3.97 -29.09
C ASP B 236 8.77 2.48 -29.25
N PHE B 237 8.41 1.80 -28.16
CA PHE B 237 8.02 0.39 -28.20
C PHE B 237 6.62 0.27 -28.80
N ASP B 238 5.71 1.26 -28.49
CA ASP B 238 4.38 1.34 -29.08
C ASP B 238 4.52 1.49 -30.59
N ASN B 239 5.47 2.33 -31.05
CA ASN B 239 5.74 2.57 -32.48
C ASN B 239 6.21 1.32 -33.20
N LYS B 240 6.95 0.44 -32.51
CA LYS B 240 7.37 -0.83 -33.12
C LYS B 240 6.15 -1.70 -33.39
N LEU B 241 5.15 -1.67 -32.49
CA LEU B 241 3.92 -2.44 -32.68
C LEU B 241 3.08 -1.80 -33.80
N VAL B 242 3.02 -0.44 -33.84
CA VAL B 242 2.30 0.29 -34.87
C VAL B 242 2.84 -0.05 -36.24
N ASN B 243 4.18 0.06 -36.44
CA ASN B 243 4.82 -0.26 -37.74
C ASN B 243 4.54 -1.69 -38.19
N PHE B 244 4.52 -2.64 -37.25
CA PHE B 244 4.22 -4.03 -37.55
C PHE B 244 2.76 -4.17 -38.03
N CYS B 245 1.82 -3.53 -37.30
CA CYS B 245 0.40 -3.58 -37.60
C CYS B 245 0.11 -2.96 -38.95
N VAL B 246 0.81 -1.86 -39.31
CA VAL B 246 0.66 -1.16 -40.58
C VAL B 246 1.03 -2.13 -41.72
N GLN B 247 2.13 -2.87 -41.55
CA GLN B 247 2.59 -3.85 -42.53
C GLN B 247 1.69 -5.07 -42.59
N ASP B 248 1.13 -5.48 -41.45
CA ASP B 248 0.22 -6.61 -41.35
C ASP B 248 -1.10 -6.29 -42.05
N PHE B 249 -1.57 -5.03 -41.94
CA PHE B 249 -2.78 -4.55 -42.59
C PHE B 249 -2.56 -4.57 -44.10
N LYS B 250 -1.36 -4.18 -44.58
CA LYS B 250 -1.00 -4.21 -46.00
C LYS B 250 -1.12 -5.64 -46.54
N LYS B 251 -0.56 -6.63 -45.83
CA LYS B 251 -0.61 -8.05 -46.24
C LYS B 251 -2.02 -8.63 -46.23
N LYS B 252 -2.92 -8.06 -45.41
CA LYS B 252 -4.30 -8.55 -45.31
C LYS B 252 -5.25 -7.87 -46.29
N ASN B 253 -4.99 -6.59 -46.59
CA ASN B 253 -5.89 -5.76 -47.39
C ASN B 253 -5.27 -5.14 -48.65
N GLY B 254 -4.67 -6.01 -49.47
CA GLY B 254 -4.08 -5.70 -50.77
C GLY B 254 -3.19 -4.47 -50.91
N GLY B 255 -2.37 -4.21 -49.89
CA GLY B 255 -1.42 -3.11 -49.93
C GLY B 255 -1.87 -1.77 -49.41
N LYS B 256 -3.08 -1.65 -48.83
CA LYS B 256 -3.57 -0.37 -48.31
C LYS B 256 -2.65 0.14 -47.21
N ASP B 257 -2.34 1.45 -47.23
CA ASP B 257 -1.40 2.05 -46.28
C ASP B 257 -2.07 2.93 -45.19
N VAL B 258 -2.21 2.37 -43.99
CA VAL B 258 -2.79 3.05 -42.83
C VAL B 258 -2.00 4.31 -42.44
N SER B 259 -0.69 4.32 -42.69
CA SER B 259 0.18 5.43 -42.29
C SER B 259 -0.11 6.75 -43.03
N LYS B 260 -0.87 6.69 -44.15
CA LYS B 260 -1.24 7.92 -44.85
C LYS B 260 -2.36 8.71 -44.11
N ASN B 261 -3.06 8.06 -43.16
CA ASN B 261 -4.08 8.70 -42.34
C ASN B 261 -3.56 8.82 -40.91
N SER B 262 -3.32 10.05 -40.45
CA SER B 262 -2.77 10.27 -39.13
C SER B 262 -3.75 9.90 -38.01
N LYS B 263 -5.07 10.03 -38.26
CA LYS B 263 -6.06 9.63 -37.26
C LYS B 263 -6.07 8.10 -37.12
N SER B 264 -5.92 7.36 -38.24
CA SER B 264 -5.84 5.89 -38.22
C SER B 264 -4.61 5.43 -37.44
N LEU B 265 -3.47 6.12 -37.60
CA LEU B 265 -2.26 5.79 -36.86
C LEU B 265 -2.43 6.02 -35.36
N ARG B 266 -3.05 7.14 -34.96
CA ARG B 266 -3.27 7.49 -33.56
C ARG B 266 -4.17 6.47 -32.89
N ARG B 267 -5.22 6.04 -33.57
CA ARG B 267 -6.14 5.02 -33.05
C ARG B 267 -5.44 3.68 -32.88
N LEU B 268 -4.56 3.34 -33.84
CA LEU B 268 -3.81 2.10 -33.79
C LEU B 268 -2.77 2.15 -32.65
N ARG B 269 -2.13 3.31 -32.45
CA ARG B 269 -1.15 3.56 -31.40
C ARG B 269 -1.76 3.34 -30.01
N THR B 270 -2.98 3.86 -29.80
CA THR B 270 -3.71 3.68 -28.54
C THR B 270 -3.87 2.19 -28.21
N GLN B 271 -4.28 1.39 -29.17
CA GLN B 271 -4.47 -0.04 -28.97
C GLN B 271 -3.16 -0.81 -28.82
N CYS B 272 -2.09 -0.34 -29.46
CA CYS B 272 -0.77 -0.97 -29.37
C CYS B 272 -0.21 -0.78 -27.97
N GLU B 273 -0.39 0.41 -27.39
CA GLU B 273 0.06 0.67 -26.05
C GLU B 273 -0.68 -0.21 -25.03
N LYS B 274 -2.00 -0.43 -25.22
CA LYS B 274 -2.75 -1.30 -24.33
C LYS B 274 -2.23 -2.74 -24.41
N ALA B 275 -2.02 -3.26 -25.62
CA ALA B 275 -1.51 -4.61 -25.80
C ALA B 275 -0.12 -4.77 -25.17
N LYS B 276 0.74 -3.75 -25.32
CA LYS B 276 2.10 -3.73 -24.74
C LYS B 276 2.04 -3.96 -23.22
N ARG B 277 1.12 -3.24 -22.52
CA ARG B 277 0.92 -3.36 -21.08
C ARG B 277 0.50 -4.79 -20.67
N VAL B 278 -0.46 -5.37 -21.42
CA VAL B 278 -0.96 -6.72 -21.19
C VAL B 278 0.19 -7.72 -21.29
N LEU B 279 1.06 -7.56 -22.31
CA LEU B 279 2.21 -8.42 -22.54
C LEU B 279 3.24 -8.41 -21.41
N SER B 280 3.15 -7.46 -20.46
CA SER B 280 4.05 -7.46 -19.32
C SER B 280 3.62 -8.52 -18.26
N SER B 281 2.35 -9.00 -18.31
CA SER B 281 1.87 -10.02 -17.39
C SER B 281 1.25 -11.24 -18.07
N SER B 282 1.01 -11.19 -19.40
CA SER B 282 0.47 -12.31 -20.15
C SER B 282 1.39 -12.67 -21.33
N ALA B 283 1.25 -13.88 -21.86
CA ALA B 283 2.07 -14.31 -22.99
C ALA B 283 1.54 -13.80 -24.34
N GLN B 284 0.28 -13.32 -24.37
CA GLN B 284 -0.38 -12.90 -25.59
C GLN B 284 -1.33 -11.75 -25.32
N ALA B 285 -1.60 -10.96 -26.34
CA ALA B 285 -2.53 -9.82 -26.29
C ALA B 285 -3.12 -9.60 -27.68
N THR B 286 -4.28 -8.95 -27.75
CA THR B 286 -4.94 -8.68 -29.00
C THR B 286 -4.97 -7.19 -29.31
N ILE B 287 -4.60 -6.82 -30.54
CA ILE B 287 -4.69 -5.44 -31.01
C ILE B 287 -5.88 -5.42 -31.95
N GLU B 288 -6.88 -4.61 -31.64
CA GLU B 288 -8.12 -4.58 -32.40
C GLU B 288 -8.61 -3.15 -32.58
N VAL B 289 -8.82 -2.73 -33.84
CA VAL B 289 -9.33 -1.41 -34.18
C VAL B 289 -10.43 -1.59 -35.19
N ASP B 290 -11.68 -1.31 -34.79
CA ASP B 290 -12.80 -1.46 -35.71
C ASP B 290 -12.82 -0.26 -36.66
N SER B 291 -12.99 -0.53 -37.98
CA SER B 291 -13.02 0.48 -39.04
C SER B 291 -11.78 1.38 -38.97
N LEU B 292 -10.60 0.75 -39.07
CA LEU B 292 -9.31 1.42 -38.94
C LEU B 292 -8.99 2.38 -40.09
N PHE B 293 -9.12 1.91 -41.34
CA PHE B 293 -8.86 2.65 -42.57
C PHE B 293 -9.80 2.06 -43.63
N ASP B 294 -10.44 2.93 -44.43
CA ASP B 294 -11.37 2.52 -45.49
C ASP B 294 -12.49 1.60 -44.98
N GLY B 295 -12.94 1.85 -43.75
CA GLY B 295 -13.98 1.07 -43.09
C GLY B 295 -13.62 -0.39 -42.86
N ILE B 296 -12.32 -0.73 -42.97
CA ILE B 296 -11.88 -2.10 -42.77
C ILE B 296 -11.48 -2.31 -41.30
N ASP B 297 -12.02 -3.37 -40.69
CA ASP B 297 -11.72 -3.74 -39.32
C ASP B 297 -10.34 -4.36 -39.25
N TYR B 298 -9.62 -4.12 -38.15
CA TYR B 298 -8.29 -4.70 -37.97
C TYR B 298 -8.22 -5.47 -36.66
N ASN B 299 -7.60 -6.64 -36.71
CA ASN B 299 -7.42 -7.51 -35.56
C ASN B 299 -6.13 -8.32 -35.75
N VAL B 300 -5.34 -8.46 -34.68
CA VAL B 300 -4.11 -9.26 -34.71
C VAL B 300 -3.74 -9.71 -33.30
N ASN B 301 -3.17 -10.90 -33.17
CA ASN B 301 -2.71 -11.40 -31.87
C ASN B 301 -1.20 -11.26 -31.82
N ILE B 302 -0.69 -10.67 -30.74
CA ILE B 302 0.74 -10.45 -30.55
C ILE B 302 1.21 -11.27 -29.36
N THR B 303 2.19 -12.15 -29.58
CA THR B 303 2.78 -12.89 -28.47
C THR B 303 3.86 -12.00 -27.85
N ARG B 304 4.23 -12.28 -26.59
CA ARG B 304 5.29 -11.56 -25.90
C ARG B 304 6.62 -11.71 -26.67
N ALA B 305 6.86 -12.92 -27.22
CA ALA B 305 8.04 -13.22 -28.03
C ALA B 305 8.11 -12.33 -29.27
N LYS B 306 6.97 -12.07 -29.95
CA LYS B 306 6.95 -11.21 -31.13
C LYS B 306 7.27 -9.78 -30.75
N PHE B 307 6.69 -9.29 -29.63
CA PHE B 307 6.94 -7.94 -29.12
C PHE B 307 8.42 -7.79 -28.78
N GLU B 308 9.01 -8.79 -28.11
CA GLU B 308 10.42 -8.81 -27.75
C GLU B 308 11.33 -8.79 -28.97
N GLU B 309 10.92 -9.48 -30.03
CA GLU B 309 11.65 -9.54 -31.29
C GLU B 309 11.62 -8.15 -31.97
N LEU B 310 10.43 -7.52 -32.03
CA LEU B 310 10.28 -6.20 -32.63
C LEU B 310 11.13 -5.13 -31.92
N CYS B 311 11.27 -5.25 -30.61
CA CYS B 311 11.99 -4.27 -29.78
C CYS B 311 13.40 -4.72 -29.36
N MET B 312 13.85 -5.88 -29.84
CA MET B 312 15.10 -6.54 -29.50
C MET B 312 16.31 -5.61 -29.40
N ASP B 313 16.58 -4.80 -30.46
CA ASP B 313 17.72 -3.89 -30.47
C ASP B 313 17.55 -2.78 -29.45
N GLN B 314 16.36 -2.19 -29.39
CA GLN B 314 16.09 -1.10 -28.47
C GLN B 314 16.24 -1.52 -27.00
N PHE B 315 15.77 -2.73 -26.67
CA PHE B 315 15.86 -3.27 -25.32
C PHE B 315 17.33 -3.51 -24.94
N ARG B 316 18.09 -4.18 -25.82
CA ARG B 316 19.49 -4.49 -25.60
C ARG B 316 20.33 -3.21 -25.45
N ASN B 317 20.04 -2.18 -26.28
CA ASN B 317 20.77 -0.93 -26.24
C ASN B 317 20.55 -0.12 -24.96
N THR B 318 19.59 -0.52 -24.09
CA THR B 318 19.43 0.16 -22.80
C THR B 318 20.68 -0.08 -21.92
N LEU B 319 21.43 -1.16 -22.19
CA LEU B 319 22.64 -1.45 -21.44
C LEU B 319 23.82 -0.54 -21.81
N ILE B 320 23.80 0.09 -23.00
CA ILE B 320 24.89 0.98 -23.44
C ILE B 320 25.05 2.17 -22.48
N PRO B 321 24.00 2.93 -22.13
CA PRO B 321 24.17 4.01 -21.15
C PRO B 321 24.53 3.49 -19.74
N VAL B 322 24.22 2.23 -19.42
CA VAL B 322 24.61 1.64 -18.14
C VAL B 322 26.14 1.50 -18.13
N GLU B 323 26.71 0.97 -19.21
CA GLU B 323 28.15 0.82 -19.35
C GLU B 323 28.83 2.20 -19.34
N LYS B 324 28.21 3.19 -19.98
CA LYS B 324 28.75 4.54 -20.01
C LYS B 324 28.81 5.21 -18.62
N VAL B 325 27.77 5.08 -17.76
CA VAL B 325 27.83 5.69 -16.42
C VAL B 325 28.86 5.00 -15.54
N LEU B 326 29.03 3.69 -15.70
CA LEU B 326 30.03 2.95 -14.92
C LEU B 326 31.43 3.41 -15.34
N LYS B 327 31.65 3.62 -16.66
CA LYS B 327 32.91 4.13 -17.18
C LYS B 327 33.17 5.56 -16.63
N ASP B 328 32.19 6.47 -16.76
CA ASP B 328 32.32 7.85 -16.26
C ASP B 328 32.59 7.89 -14.76
N ALA B 329 31.93 7.03 -13.99
CA ALA B 329 32.16 6.97 -12.54
C ALA B 329 33.40 6.18 -12.16
N LYS B 330 34.13 5.63 -13.14
CA LYS B 330 35.33 4.85 -12.95
C LYS B 330 35.10 3.65 -12.04
N MET B 331 34.01 2.88 -12.28
CA MET B 331 33.76 1.69 -11.47
C MET B 331 33.19 0.53 -12.26
N ASP B 332 33.45 -0.69 -11.78
CA ASP B 332 33.04 -1.97 -12.34
C ASP B 332 31.61 -2.27 -11.95
N LYS B 333 30.86 -2.99 -12.82
CA LYS B 333 29.47 -3.33 -12.54
C LYS B 333 29.30 -4.12 -11.24
N SER B 334 30.34 -4.89 -10.84
CA SER B 334 30.35 -5.66 -9.60
C SER B 334 30.32 -4.77 -8.34
N GLN B 335 30.67 -3.47 -8.48
CA GLN B 335 30.68 -2.53 -7.37
C GLN B 335 29.31 -1.88 -7.09
N VAL B 336 28.31 -2.11 -7.95
CA VAL B 336 26.97 -1.56 -7.78
C VAL B 336 26.25 -2.38 -6.71
N HIS B 337 25.86 -1.71 -5.60
CA HIS B 337 25.18 -2.29 -4.44
C HIS B 337 23.71 -2.51 -4.70
N GLU B 338 23.04 -1.55 -5.34
CA GLU B 338 21.62 -1.66 -5.64
C GLU B 338 21.36 -1.14 -7.04
N ILE B 339 20.49 -1.85 -7.79
CA ILE B 339 19.98 -1.45 -9.11
C ILE B 339 18.50 -1.16 -8.89
N VAL B 340 18.09 0.09 -9.01
CA VAL B 340 16.70 0.48 -8.79
C VAL B 340 15.96 0.66 -10.10
N LEU B 341 14.87 -0.06 -10.31
CA LEU B 341 14.06 0.07 -11.52
C LEU B 341 13.00 1.14 -11.34
N VAL B 342 13.02 2.17 -12.18
CA VAL B 342 12.09 3.31 -12.17
C VAL B 342 11.49 3.49 -13.58
N GLY B 343 10.28 3.99 -13.67
CA GLY B 343 9.63 4.21 -14.95
C GLY B 343 8.75 3.04 -15.32
N GLY B 344 7.57 3.35 -15.88
CA GLY B 344 6.58 2.35 -16.24
C GLY B 344 7.06 1.29 -17.20
N SER B 345 8.02 1.61 -18.07
CA SER B 345 8.54 0.64 -19.03
C SER B 345 9.40 -0.45 -18.37
N THR B 346 9.91 -0.21 -17.14
CA THR B 346 10.69 -1.25 -16.44
C THR B 346 9.82 -2.45 -15.99
N ARG B 347 8.47 -2.38 -16.20
CA ARG B 347 7.56 -3.50 -15.95
C ARG B 347 7.72 -4.58 -17.05
N ILE B 348 8.36 -4.26 -18.19
CA ILE B 348 8.56 -5.19 -19.29
C ILE B 348 9.52 -6.28 -18.84
N PRO B 349 9.05 -7.54 -18.79
CA PRO B 349 9.93 -8.62 -18.33
C PRO B 349 11.28 -8.73 -19.05
N LYS B 350 11.32 -8.49 -20.38
CA LYS B 350 12.58 -8.59 -21.10
C LYS B 350 13.61 -7.59 -20.60
N ILE B 351 13.17 -6.37 -20.28
CA ILE B 351 14.06 -5.35 -19.75
C ILE B 351 14.59 -5.75 -18.39
N GLN B 352 13.73 -6.28 -17.52
CA GLN B 352 14.15 -6.76 -16.20
C GLN B 352 15.18 -7.87 -16.31
N GLN B 353 14.97 -8.80 -17.25
CA GLN B 353 15.87 -9.92 -17.49
C GLN B 353 17.22 -9.44 -18.01
N LEU B 354 17.21 -8.49 -18.97
CA LEU B 354 18.45 -7.94 -19.55
C LEU B 354 19.33 -7.27 -18.48
N ILE B 355 18.69 -6.50 -17.56
CA ILE B 355 19.39 -5.80 -16.49
C ILE B 355 19.98 -6.79 -15.48
N LYS B 356 19.20 -7.81 -15.10
CA LYS B 356 19.60 -8.83 -14.14
C LYS B 356 20.80 -9.58 -14.68
N ASP B 357 20.74 -10.00 -15.96
CA ASP B 357 21.85 -10.71 -16.60
C ASP B 357 23.09 -9.86 -16.66
N PHE B 358 22.93 -8.57 -17.01
CA PHE B 358 24.07 -7.63 -17.07
C PHE B 358 24.77 -7.54 -15.72
N PHE B 359 23.98 -7.46 -14.64
CA PHE B 359 24.55 -7.39 -13.30
C PHE B 359 24.81 -8.77 -12.66
N ASN B 360 25.07 -9.78 -13.53
CA ASN B 360 25.44 -11.13 -13.14
C ASN B 360 24.46 -11.82 -12.21
N GLY B 361 23.17 -11.61 -12.42
CA GLY B 361 22.14 -12.28 -11.65
C GLY B 361 21.65 -11.56 -10.42
N LYS B 362 22.17 -10.35 -10.16
CA LYS B 362 21.73 -9.55 -9.01
C LYS B 362 20.30 -9.12 -9.24
N GLU B 363 19.43 -9.34 -8.23
CA GLU B 363 18.04 -8.94 -8.36
C GLU B 363 17.92 -7.43 -8.22
N PRO B 364 17.27 -6.75 -9.17
CA PRO B 364 17.06 -5.30 -9.01
C PRO B 364 16.00 -4.99 -7.96
N LYS B 366 12.71 -3.49 -7.24
CA LYS B 366 11.52 -3.15 -8.01
C LYS B 366 10.21 -3.30 -7.21
N ALA B 367 10.30 -3.42 -5.87
CA ALA B 367 9.14 -3.60 -4.99
C ALA B 367 8.17 -2.43 -5.08
N ILE B 368 8.67 -1.22 -5.26
CA ILE B 368 7.80 -0.04 -5.39
C ILE B 368 7.38 0.04 -6.86
N ASN B 369 6.07 0.25 -7.16
CA ASN B 369 5.54 0.43 -8.53
C ASN B 369 6.45 1.42 -9.25
N PRO B 370 7.16 1.00 -10.29
CA PRO B 370 8.24 1.83 -10.84
C PRO B 370 7.81 3.21 -11.33
N ASP B 371 6.56 3.35 -11.77
CA ASP B 371 6.05 4.66 -12.18
C ASP B 371 5.59 5.54 -10.99
N GLU B 372 5.72 5.03 -9.75
CA GLU B 372 5.39 5.74 -8.53
C GLU B 372 6.61 6.01 -7.64
N ALA B 373 7.77 5.40 -7.89
CA ALA B 373 8.94 5.48 -7.02
C ALA B 373 9.44 6.87 -6.82
N VAL B 374 9.45 7.70 -7.89
CA VAL B 374 9.92 9.08 -7.80
C VAL B 374 8.99 9.94 -6.93
N ALA B 375 7.66 9.83 -7.12
CA ALA B 375 6.71 10.55 -6.27
C ALA B 375 6.81 10.07 -4.83
N TYR B 376 7.06 8.76 -4.63
CA TYR B 376 7.21 8.12 -3.33
C TYR B 376 8.38 8.79 -2.56
N GLY B 377 9.55 8.89 -3.20
CA GLY B 377 10.71 9.54 -2.61
C GLY B 377 10.50 11.02 -2.38
N ALA B 378 9.85 11.71 -3.32
CA ALA B 378 9.56 13.13 -3.16
C ALA B 378 8.63 13.36 -1.96
N ALA B 379 7.67 12.43 -1.72
CA ALA B 379 6.75 12.52 -0.60
C ALA B 379 7.46 12.33 0.72
N VAL B 380 8.46 11.43 0.77
CA VAL B 380 9.27 11.18 1.96
C VAL B 380 10.06 12.45 2.26
N GLN B 381 10.70 13.04 1.24
CA GLN B 381 11.49 14.24 1.40
C GLN B 381 10.61 15.43 1.83
N ALA B 382 9.40 15.53 1.30
CA ALA B 382 8.48 16.61 1.69
C ALA B 382 8.09 16.50 3.16
N ALA B 383 7.93 15.25 3.67
CA ALA B 383 7.56 15.04 5.06
C ALA B 383 8.74 15.41 5.96
N ILE B 384 9.97 15.00 5.58
CA ILE B 384 11.18 15.34 6.32
C ILE B 384 11.36 16.87 6.39
N LEU B 385 11.23 17.55 5.25
CA LEU B 385 11.34 19.01 5.21
C LEU B 385 10.22 19.74 5.95
N SER B 386 9.13 19.05 6.29
CA SER B 386 8.03 19.59 7.08
C SER B 386 8.16 19.26 8.58
N GLY B 387 9.25 18.63 9.00
CA GLY B 387 9.48 18.30 10.39
C GLY B 387 9.01 16.93 10.85
N ASP B 388 8.56 16.08 9.92
CA ASP B 388 8.09 14.74 10.26
C ASP B 388 9.25 13.73 10.08
#